data_5GRL
#
_entry.id   5GRL
#
_cell.length_a   111.238
_cell.length_b   111.238
_cell.length_c   145.478
_cell.angle_alpha   90.000
_cell.angle_beta   90.000
_cell.angle_gamma   120.000
#
_symmetry.space_group_name_H-M   'P 31 2 1'
#
loop_
_entity.id
_entity.type
_entity.pdbx_description
1 polymer 'Isocitrate dehydrogenase [NAD] subunit alpha, mitochondrial'
2 polymer 'Isocitrate dehydrogenase [NAD] subunit gamma, mitochondrial'
3 non-polymer 'MAGNESIUM ION'
4 non-polymer "ADENOSINE-5'-DIPHOSPHATE"
5 non-polymer 'ISOCITRIC ACID'
#
loop_
_entity_poly.entity_id
_entity_poly.type
_entity_poly.pdbx_seq_one_letter_code
_entity_poly.pdbx_strand_id
1 'polypeptide(L)'
;TGGVQTVTLIPGDGIGPEISAAVMKIFDAAKAPIQWEERNVTAIQGPGGKWMIPSEAKESMDKNKMGLKGPLKTPIAAGH
PSMNLLLRKTFDLYANVRPCVSIEGYKTPYTDVNIVTIRENTEGEYSGIEHVIVDGVVQSIKLITEGASKRIAEFAFEYA
RNNHRSNVTAVHKANIMRMSDGLFLQKCREVAESCKDIKFNEMYLDTVCLNMVQDPSQFDVLVMPNLYGDILSDLCAGLI
GGLGVTPSGNIGANGVAIFESVHGTAPDIAGKDMANPTALLLSAVMMLRHMGLFDHAARIEAACFATIKDGKSLTKDLGG
NAKCSDFTEEICRRVKDLD
;
A
2 'polypeptide(L)'
;FSEQTIPPSAKYGGRHTVTMIPGDGIGPELMLHVKSVFRHACVPVDFEEVHVSSNADEEDIRNAIMAIRRNRVALKGNIE
TNHNLPPSHKSRNNILRTSLDLYANVIHCKSLPGVVTRHKDIDILIVRENTEGEYSSLEHESVAGVVESLKIITKAKSLR
IAEYAFKLAQESGRKKVTAVHKANIMKLGDGLFLQCCREVAARYPQITFENMIVDNTTMQLVSRPQQFDVMVMPNLYGNI
VNNVCAGLVGGPGLVAGANYGHVYAVFETATRNTGKSIANKNIANPTATLLASCMMLDHLKLHSYATSIRKAVLASMDNE
NMHTPDIGGQGTTSEAIQDVIRHIRVINGRAVEA
;
B
#
loop_
_chem_comp.id
_chem_comp.type
_chem_comp.name
_chem_comp.formula
ADP non-polymer ADENOSINE-5'-DIPHOSPHATE 'C10 H15 N5 O10 P2'
ICT non-polymer 'ISOCITRIC ACID' 'C6 H8 O7'
MG non-polymer 'MAGNESIUM ION' 'Mg 2'
#
# COMPACT_ATOMS: atom_id res chain seq x y z
N VAL A 4 -0.67 -33.53 -24.85
CA VAL A 4 -1.92 -33.61 -24.01
C VAL A 4 -1.54 -33.93 -22.56
N GLN A 5 -1.77 -32.96 -21.66
CA GLN A 5 -1.33 -33.07 -20.27
C GLN A 5 -2.48 -33.04 -19.28
N THR A 6 -2.24 -33.57 -18.09
CA THR A 6 -3.24 -33.60 -17.02
C THR A 6 -2.98 -32.49 -16.01
N VAL A 7 -4.06 -31.85 -15.57
CA VAL A 7 -4.01 -30.73 -14.62
C VAL A 7 -5.05 -30.97 -13.53
N THR A 8 -4.59 -31.09 -12.29
CA THR A 8 -5.49 -31.32 -11.15
C THR A 8 -6.40 -30.11 -10.92
N LEU A 9 -7.66 -30.39 -10.62
CA LEU A 9 -8.71 -29.38 -10.62
C LEU A 9 -9.38 -29.34 -9.26
N ILE A 10 -9.48 -28.15 -8.70
CA ILE A 10 -10.11 -27.94 -7.39
C ILE A 10 -11.26 -26.96 -7.60
N PRO A 11 -12.42 -27.46 -8.09
CA PRO A 11 -13.54 -26.54 -8.31
C PRO A 11 -13.88 -25.72 -7.08
N GLY A 12 -13.79 -26.33 -5.91
CA GLY A 12 -14.04 -25.66 -4.65
C GLY A 12 -15.53 -25.52 -4.41
N ASP A 13 -15.93 -24.39 -3.83
CA ASP A 13 -17.24 -24.24 -3.21
C ASP A 13 -18.03 -23.06 -3.79
N GLY A 14 -19.34 -23.09 -3.57
CA GLY A 14 -20.25 -22.02 -4.00
C GLY A 14 -20.43 -21.94 -5.51
N ILE A 15 -19.83 -20.90 -6.11
CA ILE A 15 -19.80 -20.75 -7.58
C ILE A 15 -18.61 -21.48 -8.21
N GLY A 16 -17.75 -22.03 -7.38
CA GLY A 16 -16.55 -22.77 -7.79
C GLY A 16 -16.74 -23.82 -8.89
N PRO A 17 -17.74 -24.70 -8.75
CA PRO A 17 -18.08 -25.68 -9.80
C PRO A 17 -18.46 -25.05 -11.14
N GLU A 18 -19.33 -24.05 -11.13
CA GLU A 18 -19.80 -23.37 -12.34
C GLU A 18 -18.67 -22.78 -13.16
N ILE A 19 -17.85 -21.97 -12.51
CA ILE A 19 -16.71 -21.29 -13.17
C ILE A 19 -15.64 -22.28 -13.63
N SER A 20 -15.49 -23.41 -12.92
CA SER A 20 -14.63 -24.50 -13.39
C SER A 20 -15.23 -25.13 -14.64
N ALA A 21 -16.52 -25.43 -14.59
CA ALA A 21 -17.25 -25.98 -15.74
C ALA A 21 -17.20 -25.05 -16.96
N ALA A 22 -17.21 -23.74 -16.69
CA ALA A 22 -17.06 -22.73 -17.74
C ALA A 22 -15.63 -22.67 -18.31
N VAL A 23 -14.64 -22.81 -17.44
CA VAL A 23 -13.23 -22.84 -17.85
C VAL A 23 -12.89 -24.11 -18.62
N MET A 24 -13.47 -25.24 -18.20
CA MET A 24 -13.30 -26.52 -18.88
C MET A 24 -13.87 -26.49 -20.31
N LYS A 25 -15.08 -25.96 -20.43
CA LYS A 25 -15.80 -25.86 -21.70
C LYS A 25 -15.10 -24.93 -22.71
N ILE A 26 -14.54 -23.83 -22.21
CA ILE A 26 -13.78 -22.89 -23.04
C ILE A 26 -12.44 -23.49 -23.47
N PHE A 27 -11.79 -24.23 -22.57
CA PHE A 27 -10.55 -24.94 -22.88
C PHE A 27 -10.76 -25.99 -23.98
N ASP A 28 -11.88 -26.70 -23.92
CA ASP A 28 -12.24 -27.69 -24.94
C ASP A 28 -12.64 -27.04 -26.26
N ALA A 29 -13.46 -25.97 -26.17
CA ALA A 29 -13.86 -25.18 -27.35
C ALA A 29 -12.66 -24.60 -28.09
N ALA A 30 -11.58 -24.32 -27.36
CA ALA A 30 -10.31 -23.84 -27.91
C ALA A 30 -9.30 -24.95 -28.20
N LYS A 31 -9.75 -26.21 -28.18
CA LYS A 31 -8.92 -27.37 -28.51
C LYS A 31 -7.66 -27.48 -27.62
N ALA A 32 -7.75 -27.03 -26.37
CA ALA A 32 -6.60 -26.99 -25.47
C ALA A 32 -6.21 -28.41 -25.03
N PRO A 33 -4.92 -28.79 -25.21
CA PRO A 33 -4.47 -30.15 -24.86
C PRO A 33 -4.36 -30.38 -23.34
N ILE A 34 -5.51 -30.40 -22.68
CA ILE A 34 -5.59 -30.45 -21.22
C ILE A 34 -6.62 -31.48 -20.77
N GLN A 35 -6.25 -32.28 -19.76
CA GLN A 35 -7.16 -33.24 -19.12
C GLN A 35 -7.40 -32.81 -17.67
N TRP A 36 -8.65 -32.89 -17.23
CA TRP A 36 -9.07 -32.39 -15.91
C TRP A 36 -9.24 -33.49 -14.86
N GLU A 37 -8.19 -33.72 -14.07
CA GLU A 37 -8.22 -34.69 -12.97
C GLU A 37 -8.81 -34.04 -11.72
N GLU A 38 -10.14 -33.97 -11.67
CA GLU A 38 -10.86 -33.28 -10.58
C GLU A 38 -10.55 -33.85 -9.20
N ARG A 39 -10.54 -32.99 -8.20
CA ARG A 39 -10.06 -33.35 -6.87
C ARG A 39 -10.66 -32.47 -5.76
N ASN A 40 -10.73 -33.05 -4.55
CA ASN A 40 -11.42 -32.43 -3.42
C ASN A 40 -10.48 -32.22 -2.22
N VAL A 41 -9.86 -31.04 -2.16
CA VAL A 41 -8.99 -30.67 -1.03
C VAL A 41 -9.82 -30.30 0.19
N THR A 42 -9.37 -30.75 1.35
CA THR A 42 -10.11 -30.66 2.62
C THR A 42 -9.19 -31.10 3.76
N ALA A 43 -9.35 -30.46 4.93
CA ALA A 43 -8.53 -30.77 6.09
C ALA A 43 -8.88 -32.14 6.69
N ILE A 44 -7.85 -32.92 7.04
CA ILE A 44 -8.03 -34.26 7.65
C ILE A 44 -7.12 -34.47 8.87
N GLN A 45 -7.50 -35.43 9.72
CA GLN A 45 -6.72 -35.81 10.93
C GLN A 45 -6.44 -34.63 11.87
N TRP A 51 -3.15 -32.10 10.84
CA TRP A 51 -3.92 -31.54 9.72
C TRP A 51 -3.21 -31.76 8.37
N MET A 52 -3.93 -32.36 7.42
CA MET A 52 -3.43 -32.61 6.06
C MET A 52 -4.51 -32.37 5.01
N ILE A 53 -4.08 -32.22 3.77
CA ILE A 53 -4.97 -32.36 2.61
C ILE A 53 -5.03 -33.85 2.27
N PRO A 54 -6.11 -34.31 1.60
CA PRO A 54 -6.23 -35.76 1.37
C PRO A 54 -5.09 -36.33 0.52
N SER A 55 -4.78 -37.60 0.75
CA SER A 55 -3.70 -38.29 0.05
C SER A 55 -3.86 -38.26 -1.47
N GLU A 56 -5.11 -38.28 -1.93
CA GLU A 56 -5.43 -38.23 -3.37
C GLU A 56 -5.11 -36.88 -4.01
N ALA A 57 -5.36 -35.80 -3.28
CA ALA A 57 -5.02 -34.44 -3.75
C ALA A 57 -3.51 -34.21 -3.76
N LYS A 58 -2.87 -34.57 -2.65
CA LYS A 58 -1.40 -34.57 -2.53
C LYS A 58 -0.74 -35.34 -3.70
N GLU A 59 -1.23 -36.55 -3.96
CA GLU A 59 -0.68 -37.41 -5.01
C GLU A 59 -0.91 -36.85 -6.42
N SER A 60 -2.12 -36.32 -6.67
CA SER A 60 -2.45 -35.67 -7.94
C SER A 60 -1.45 -34.57 -8.31
N MET A 61 -1.07 -33.78 -7.31
CA MET A 61 -0.22 -32.61 -7.50
C MET A 61 1.25 -32.97 -7.73
N ASP A 62 1.77 -33.92 -6.96
CA ASP A 62 3.12 -34.46 -7.17
C ASP A 62 3.25 -35.19 -8.50
N LYS A 63 2.14 -35.67 -9.03
CA LYS A 63 2.09 -36.30 -10.35
C LYS A 63 1.98 -35.24 -11.44
N ASN A 64 0.86 -34.52 -11.43
CA ASN A 64 0.51 -33.59 -12.50
C ASN A 64 1.36 -32.32 -12.54
N LYS A 65 1.79 -31.85 -11.36
CA LYS A 65 2.65 -30.64 -11.22
C LYS A 65 1.94 -29.29 -11.50
N MET A 66 0.69 -29.32 -11.93
CA MET A 66 -0.04 -28.13 -12.34
C MET A 66 -1.47 -28.25 -11.83
N GLY A 67 -2.01 -27.16 -11.31
CA GLY A 67 -3.37 -27.16 -10.77
C GLY A 67 -4.13 -25.88 -10.98
N LEU A 68 -5.43 -25.94 -10.74
CA LEU A 68 -6.32 -24.80 -10.82
C LEU A 68 -7.26 -24.85 -9.62
N LYS A 69 -7.35 -23.73 -8.90
CA LYS A 69 -8.11 -23.68 -7.64
C LYS A 69 -9.21 -22.62 -7.70
N GLY A 70 -10.45 -23.05 -7.57
CA GLY A 70 -11.58 -22.13 -7.38
C GLY A 70 -11.63 -21.63 -5.95
N PRO A 71 -12.60 -20.75 -5.63
CA PRO A 71 -12.68 -20.22 -4.27
C PRO A 71 -13.02 -21.29 -3.23
N LEU A 72 -12.20 -21.38 -2.18
CA LEU A 72 -12.38 -22.38 -1.11
C LEU A 72 -12.95 -21.74 0.14
N LYS A 73 -14.02 -22.33 0.68
CA LYS A 73 -14.66 -21.82 1.90
C LYS A 73 -13.86 -22.19 3.14
N THR A 74 -14.02 -21.38 4.19
CA THR A 74 -13.38 -21.62 5.49
C THR A 74 -14.35 -22.28 6.45
N PRO A 81 -6.86 -24.95 10.21
CA PRO A 81 -6.20 -23.78 9.66
C PRO A 81 -6.78 -23.39 8.29
N SER A 82 -6.18 -22.40 7.67
CA SER A 82 -6.54 -21.99 6.30
C SER A 82 -6.06 -23.04 5.31
N MET A 83 -6.84 -23.23 4.25
CA MET A 83 -6.50 -24.19 3.18
C MET A 83 -5.28 -23.70 2.41
N ASN A 84 -5.24 -22.39 2.17
CA ASN A 84 -4.12 -21.73 1.50
C ASN A 84 -2.81 -21.87 2.26
N LEU A 85 -2.87 -21.59 3.57
CA LEU A 85 -1.75 -21.83 4.47
C LEU A 85 -1.29 -23.27 4.36
N LEU A 86 -2.24 -24.19 4.44
CA LEU A 86 -1.98 -25.63 4.35
C LEU A 86 -1.23 -25.97 3.06
N LEU A 87 -1.81 -25.58 1.94
CA LEU A 87 -1.22 -25.83 0.60
C LEU A 87 0.18 -25.26 0.43
N ARG A 88 0.40 -24.06 0.96
CA ARG A 88 1.71 -23.40 0.94
C ARG A 88 2.79 -24.27 1.57
N LYS A 89 2.58 -24.67 2.82
CA LYS A 89 3.57 -25.45 3.58
C LYS A 89 3.76 -26.84 2.98
N THR A 90 2.65 -27.41 2.48
CA THR A 90 2.66 -28.72 1.85
C THR A 90 3.55 -28.72 0.60
N PHE A 91 3.25 -27.84 -0.35
CA PHE A 91 3.98 -27.76 -1.62
C PHE A 91 5.14 -26.76 -1.66
N ASP A 92 5.41 -26.12 -0.52
CA ASP A 92 6.42 -25.05 -0.41
C ASP A 92 6.16 -23.91 -1.41
N LEU A 93 4.90 -23.46 -1.47
CA LEU A 93 4.52 -22.36 -2.36
C LEU A 93 5.11 -21.04 -1.86
N TYR A 94 6.22 -20.64 -2.49
CA TYR A 94 7.06 -19.55 -1.98
C TYR A 94 6.90 -18.21 -2.70
N ALA A 95 6.21 -18.21 -3.84
CA ALA A 95 6.16 -17.04 -4.72
C ALA A 95 4.75 -16.81 -5.23
N ASN A 96 4.05 -15.85 -4.64
CA ASN A 96 2.74 -15.44 -5.14
C ASN A 96 2.93 -14.40 -6.23
N VAL A 97 2.39 -14.70 -7.42
CA VAL A 97 2.48 -13.82 -8.58
C VAL A 97 1.10 -13.35 -8.96
N ARG A 98 0.97 -12.05 -9.20
CA ARG A 98 -0.30 -11.45 -9.62
C ARG A 98 -0.04 -10.44 -10.73
N PRO A 99 -0.34 -10.82 -11.99
CA PRO A 99 -0.25 -9.87 -13.08
C PRO A 99 -1.55 -9.08 -13.19
N CYS A 100 -1.45 -7.76 -13.05
CA CYS A 100 -2.60 -6.86 -13.17
C CYS A 100 -2.47 -6.07 -14.46
N VAL A 101 -3.51 -6.16 -15.30
CA VAL A 101 -3.58 -5.46 -16.58
C VAL A 101 -4.98 -4.89 -16.71
N SER A 102 -5.10 -3.70 -17.28
CA SER A 102 -6.43 -3.07 -17.46
C SER A 102 -7.21 -3.80 -18.55
N ILE A 103 -8.52 -3.94 -18.33
CA ILE A 103 -9.41 -4.64 -19.25
C ILE A 103 -10.29 -3.62 -19.94
N GLU A 104 -10.22 -3.57 -21.28
CA GLU A 104 -11.10 -2.74 -22.09
C GLU A 104 -12.51 -3.29 -22.00
N GLY A 105 -13.46 -2.43 -21.61
CA GLY A 105 -14.85 -2.84 -21.42
C GLY A 105 -15.28 -2.84 -19.96
N TYR A 106 -14.41 -3.37 -19.10
CA TYR A 106 -14.58 -3.27 -17.65
C TYR A 106 -13.68 -2.15 -17.15
N LYS A 107 -14.19 -0.93 -17.25
CA LYS A 107 -13.36 0.26 -17.11
C LYS A 107 -13.34 0.81 -15.70
N THR A 108 -12.15 1.26 -15.31
CA THR A 108 -11.92 1.92 -14.03
C THR A 108 -11.25 3.26 -14.33
N PRO A 109 -11.09 4.12 -13.30
CA PRO A 109 -10.32 5.34 -13.52
C PRO A 109 -8.83 5.13 -13.86
N TYR A 110 -8.35 3.88 -13.82
CA TYR A 110 -6.99 3.53 -14.18
C TYR A 110 -6.99 2.64 -15.42
N THR A 111 -6.37 3.12 -16.50
CA THR A 111 -6.44 2.48 -17.83
C THR A 111 -5.10 2.01 -18.41
N ASP A 112 -4.01 2.51 -17.84
CA ASP A 112 -2.67 2.31 -18.41
C ASP A 112 -1.88 1.22 -17.67
N VAL A 113 -2.60 0.32 -17.00
CA VAL A 113 -2.00 -0.55 -15.99
C VAL A 113 -1.45 -1.83 -16.61
N ASN A 114 -0.22 -2.18 -16.24
CA ASN A 114 0.41 -3.46 -16.62
C ASN A 114 1.54 -3.78 -15.64
N ILE A 115 1.16 -4.30 -14.48
CA ILE A 115 2.09 -4.54 -13.38
C ILE A 115 2.04 -6.00 -12.95
N VAL A 116 3.20 -6.57 -12.67
CA VAL A 116 3.26 -7.90 -12.06
C VAL A 116 3.79 -7.78 -10.64
N THR A 117 2.96 -8.19 -9.69
CA THR A 117 3.29 -8.17 -8.28
C THR A 117 3.86 -9.55 -7.91
N ILE A 118 5.13 -9.58 -7.53
CA ILE A 118 5.82 -10.82 -7.16
C ILE A 118 6.14 -10.81 -5.65
N ARG A 119 5.38 -11.62 -4.91
CA ARG A 119 5.37 -11.57 -3.45
C ARG A 119 6.04 -12.82 -2.84
N GLU A 120 7.02 -12.60 -1.98
CA GLU A 120 7.60 -13.66 -1.15
C GLU A 120 6.49 -14.17 -0.23
N ASN A 121 6.29 -15.49 -0.20
CA ASN A 121 5.04 -16.06 0.31
C ASN A 121 5.15 -16.93 1.57
N THR A 122 6.35 -17.17 2.06
CA THR A 122 6.58 -18.09 3.18
C THR A 122 6.89 -17.43 4.52
N GLU A 123 7.31 -16.16 4.46
CA GLU A 123 8.18 -15.59 5.49
C GLU A 123 7.72 -14.17 5.85
N GLY A 124 8.68 -13.30 6.16
CA GLY A 124 8.40 -11.91 6.41
C GLY A 124 7.58 -11.73 7.67
N GLU A 125 6.56 -10.90 7.55
CA GLU A 125 5.75 -10.49 8.69
C GLU A 125 4.81 -11.62 9.12
N TYR A 126 4.58 -12.58 8.22
CA TYR A 126 3.73 -13.75 8.50
C TYR A 126 4.55 -14.97 8.89
N SER A 127 5.42 -14.79 9.89
CA SER A 127 6.21 -15.90 10.44
C SER A 127 5.37 -16.76 11.40
N GLY A 128 4.22 -16.25 11.82
CA GLY A 128 3.33 -16.95 12.74
C GLY A 128 3.85 -16.97 14.18
N ILE A 129 4.83 -16.11 14.48
CA ILE A 129 5.46 -16.07 15.79
C ILE A 129 5.07 -14.77 16.48
N GLU A 130 4.26 -14.89 17.52
CA GLU A 130 3.87 -13.76 18.35
C GLU A 130 4.07 -14.13 19.81
N HIS A 131 4.44 -13.16 20.64
CA HIS A 131 4.56 -13.35 22.08
C HIS A 131 3.89 -12.25 22.87
N VAL A 132 3.26 -12.64 23.96
CA VAL A 132 2.92 -11.71 25.04
C VAL A 132 4.19 -11.61 25.89
N ILE A 133 4.91 -10.51 25.76
CA ILE A 133 6.15 -10.29 26.53
C ILE A 133 5.80 -10.06 27.99
N VAL A 134 4.85 -9.15 28.20
CA VAL A 134 4.26 -8.91 29.51
C VAL A 134 2.81 -8.52 29.23
N ASP A 135 2.02 -8.30 30.26
CA ASP A 135 0.62 -7.92 30.06
C ASP A 135 0.48 -6.58 29.34
N GLY A 136 -0.29 -6.58 28.26
CA GLY A 136 -0.51 -5.39 27.44
C GLY A 136 0.68 -5.01 26.57
N VAL A 137 1.58 -5.97 26.32
CA VAL A 137 2.76 -5.74 25.47
C VAL A 137 2.96 -7.00 24.62
N VAL A 138 2.71 -6.87 23.32
CA VAL A 138 2.82 -7.98 22.39
C VAL A 138 3.98 -7.75 21.44
N GLN A 139 4.67 -8.83 21.10
CA GLN A 139 5.79 -8.83 20.18
C GLN A 139 5.46 -9.74 19.01
N SER A 140 5.51 -9.19 17.80
CA SER A 140 5.31 -9.95 16.58
C SER A 140 6.63 -9.96 15.83
N ILE A 141 7.05 -11.13 15.37
CA ILE A 141 8.34 -11.29 14.70
C ILE A 141 8.18 -11.27 13.19
N LYS A 142 8.89 -10.35 12.56
CA LYS A 142 9.11 -10.35 11.12
C LYS A 142 10.41 -11.07 10.86
N LEU A 143 10.36 -12.15 10.09
CA LEU A 143 11.52 -12.98 9.79
C LEU A 143 11.94 -12.77 8.33
N ILE A 144 13.20 -12.41 8.13
CA ILE A 144 13.78 -12.29 6.79
C ILE A 144 15.06 -13.11 6.74
N THR A 145 15.10 -14.09 5.82
CA THR A 145 16.26 -14.95 5.67
C THR A 145 17.04 -14.66 4.40
N GLU A 146 18.25 -15.21 4.34
CA GLU A 146 19.13 -15.10 3.19
C GLU A 146 18.61 -15.92 2.02
N GLY A 147 18.24 -17.16 2.31
CA GLY A 147 17.77 -18.10 1.30
C GLY A 147 16.48 -17.69 0.60
N ALA A 148 15.45 -17.42 1.41
CA ALA A 148 14.12 -17.05 0.89
C ALA A 148 14.14 -15.77 0.07
N SER A 149 14.97 -14.81 0.49
CA SER A 149 15.12 -13.54 -0.20
C SER A 149 15.84 -13.70 -1.53
N LYS A 150 16.90 -14.50 -1.53
CA LYS A 150 17.62 -14.85 -2.76
C LYS A 150 16.71 -15.62 -3.73
N ARG A 151 15.91 -16.53 -3.21
CA ARG A 151 15.03 -17.36 -4.05
C ARG A 151 13.96 -16.52 -4.77
N ILE A 152 13.19 -15.75 -4.01
CA ILE A 152 12.14 -14.89 -4.59
C ILE A 152 12.71 -13.81 -5.53
N ALA A 153 13.96 -13.43 -5.32
CA ALA A 153 14.68 -12.54 -6.22
C ALA A 153 14.98 -13.22 -7.56
N GLU A 154 15.61 -14.39 -7.48
CA GLU A 154 15.93 -15.21 -8.66
C GLU A 154 14.70 -15.50 -9.53
N PHE A 155 13.58 -15.80 -8.89
CA PHE A 155 12.33 -16.06 -9.60
C PHE A 155 11.79 -14.82 -10.31
N ALA A 156 11.89 -13.67 -9.67
CA ALA A 156 11.41 -12.41 -10.25
C ALA A 156 12.18 -12.07 -11.52
N PHE A 157 13.50 -12.17 -11.43
CA PHE A 157 14.36 -11.98 -12.60
C PHE A 157 14.15 -13.05 -13.68
N GLU A 158 13.91 -14.29 -13.27
CA GLU A 158 13.54 -15.36 -14.20
C GLU A 158 12.17 -15.09 -14.84
N TYR A 159 11.22 -14.59 -14.05
CA TYR A 159 9.88 -14.29 -14.55
C TYR A 159 9.92 -13.22 -15.65
N ALA A 160 10.65 -12.14 -15.38
CA ALA A 160 10.77 -11.02 -16.32
C ALA A 160 11.32 -11.46 -17.68
N ARG A 161 12.38 -12.27 -17.64
CA ARG A 161 12.97 -12.84 -18.86
C ARG A 161 11.96 -13.69 -19.64
N ASN A 162 11.39 -14.67 -18.96
CA ASN A 162 10.43 -15.60 -19.59
C ASN A 162 9.09 -14.96 -19.97
N ASN A 163 8.77 -13.81 -19.38
CA ASN A 163 7.56 -13.04 -19.74
C ASN A 163 7.87 -11.72 -20.44
N HIS A 164 9.14 -11.53 -20.82
CA HIS A 164 9.58 -10.38 -21.62
C HIS A 164 9.21 -9.04 -20.97
N ARG A 165 9.77 -8.81 -19.78
CA ARG A 165 9.59 -7.57 -19.03
C ARG A 165 10.92 -6.84 -18.93
N SER A 166 10.87 -5.52 -19.01
CA SER A 166 12.07 -4.68 -19.06
C SER A 166 12.62 -4.35 -17.66
N ASN A 167 11.73 -4.01 -16.74
CA ASN A 167 12.11 -3.53 -15.40
C ASN A 167 11.67 -4.44 -14.26
N VAL A 168 12.50 -4.48 -13.22
CA VAL A 168 12.16 -5.12 -11.95
C VAL A 168 12.48 -4.12 -10.83
N THR A 169 11.46 -3.79 -10.03
CA THR A 169 11.62 -2.87 -8.91
C THR A 169 11.54 -3.62 -7.59
N ALA A 170 12.58 -3.50 -6.76
CA ALA A 170 12.55 -4.03 -5.39
C ALA A 170 11.88 -3.01 -4.47
N VAL A 171 10.84 -3.43 -3.77
CA VAL A 171 10.09 -2.57 -2.83
C VAL A 171 10.45 -2.93 -1.39
N HIS A 172 10.61 -1.91 -0.56
CA HIS A 172 11.19 -2.09 0.78
C HIS A 172 10.93 -0.92 1.73
N LYS A 173 11.33 -1.11 2.98
CA LYS A 173 11.34 -0.06 4.02
C LYS A 173 12.64 -0.17 4.82
N ALA A 174 13.76 -0.16 4.12
CA ALA A 174 15.08 -0.40 4.72
C ALA A 174 15.57 0.78 5.54
N ASN A 175 15.06 1.97 5.25
CA ASN A 175 15.31 3.13 6.10
C ASN A 175 14.88 2.91 7.56
N ILE A 176 13.75 2.24 7.75
CA ILE A 176 13.17 1.99 9.07
C ILE A 176 13.59 0.64 9.63
N MET A 177 13.37 -0.40 8.84
CA MET A 177 13.72 -1.76 9.20
C MET A 177 14.99 -2.16 8.45
N ARG A 178 16.11 -1.66 8.96
CA ARG A 178 17.39 -1.75 8.26
C ARG A 178 17.85 -3.16 8.04
N MET A 179 17.99 -3.90 9.14
CA MET A 179 18.61 -5.21 9.13
C MET A 179 17.81 -6.21 8.29
N SER A 180 16.50 -6.24 8.49
CA SER A 180 15.63 -7.21 7.81
C SER A 180 15.42 -6.83 6.35
N ASP A 181 14.82 -5.67 6.10
CA ASP A 181 14.59 -5.20 4.73
C ASP A 181 15.89 -4.92 3.96
N GLY A 182 16.95 -4.55 4.68
CA GLY A 182 18.27 -4.39 4.08
C GLY A 182 18.85 -5.69 3.57
N LEU A 183 18.66 -6.77 4.34
CA LEU A 183 19.11 -8.10 3.93
C LEU A 183 18.36 -8.55 2.69
N PHE A 184 17.03 -8.45 2.75
CA PHE A 184 16.19 -8.74 1.58
C PHE A 184 16.70 -7.99 0.34
N LEU A 185 16.92 -6.69 0.52
CA LEU A 185 17.42 -5.82 -0.54
C LEU A 185 18.81 -6.24 -1.03
N GLN A 186 19.66 -6.66 -0.09
CA GLN A 186 21.02 -7.14 -0.40
C GLN A 186 21.00 -8.30 -1.39
N LYS A 187 20.04 -9.21 -1.23
CA LYS A 187 19.90 -10.37 -2.11
C LYS A 187 19.40 -9.99 -3.49
N CYS A 188 18.45 -9.06 -3.54
CA CYS A 188 17.92 -8.55 -4.81
C CYS A 188 19.01 -7.87 -5.65
N ARG A 189 19.97 -7.23 -4.98
CA ARG A 189 21.10 -6.59 -5.66
C ARG A 189 22.03 -7.61 -6.31
N GLU A 190 22.43 -8.62 -5.55
CA GLU A 190 23.31 -9.70 -6.03
C GLU A 190 22.77 -10.36 -7.30
N VAL A 191 21.50 -10.74 -7.27
CA VAL A 191 20.83 -11.36 -8.42
C VAL A 191 20.78 -10.41 -9.62
N ALA A 192 20.45 -9.16 -9.37
CA ALA A 192 20.40 -8.12 -10.42
C ALA A 192 21.74 -7.93 -11.13
N GLU A 193 22.84 -8.12 -10.40
CA GLU A 193 24.19 -8.05 -10.96
C GLU A 193 24.49 -9.22 -11.89
N SER A 194 23.90 -10.38 -11.58
CA SER A 194 24.00 -11.58 -12.43
C SER A 194 23.03 -11.59 -13.61
N CYS A 195 22.17 -10.57 -13.72
CA CYS A 195 21.14 -10.49 -14.75
C CYS A 195 21.00 -9.07 -15.27
N LYS A 196 22.10 -8.53 -15.80
CA LYS A 196 22.15 -7.11 -16.21
C LYS A 196 21.25 -6.75 -17.41
N ASP A 197 20.76 -7.77 -18.13
CA ASP A 197 19.80 -7.57 -19.23
C ASP A 197 18.38 -7.13 -18.80
N ILE A 198 18.10 -7.16 -17.50
CA ILE A 198 16.88 -6.57 -16.92
C ILE A 198 17.27 -5.34 -16.10
N LYS A 199 16.50 -4.27 -16.23
CA LYS A 199 16.81 -3.01 -15.55
C LYS A 199 16.23 -3.00 -14.13
N PHE A 200 17.11 -2.81 -13.14
CA PHE A 200 16.78 -2.97 -11.73
C PHE A 200 16.84 -1.65 -10.95
N ASN A 201 15.77 -1.35 -10.21
CA ASN A 201 15.71 -0.17 -9.34
C ASN A 201 15.08 -0.50 -7.98
N GLU A 202 15.44 0.30 -6.99
CA GLU A 202 14.94 0.16 -5.62
C GLU A 202 13.98 1.30 -5.33
N MET A 203 13.09 1.10 -4.36
CA MET A 203 12.02 2.06 -4.08
C MET A 203 11.32 1.79 -2.75
N TYR A 204 11.06 2.85 -1.97
CA TYR A 204 10.37 2.72 -0.69
C TYR A 204 8.87 2.45 -0.89
N LEU A 205 8.35 1.49 -0.13
CA LEU A 205 6.94 1.09 -0.17
C LEU A 205 5.95 2.25 -0.16
N ASP A 206 6.17 3.22 0.72
CA ASP A 206 5.31 4.42 0.78
C ASP A 206 5.32 5.22 -0.51
N THR A 207 6.48 5.36 -1.13
CA THR A 207 6.60 6.06 -2.41
C THR A 207 5.92 5.27 -3.53
N VAL A 208 6.16 3.97 -3.57
CA VAL A 208 5.52 3.11 -4.58
C VAL A 208 4.01 3.33 -4.51
N CYS A 209 3.44 3.18 -3.31
CA CYS A 209 2.01 3.45 -3.08
C CYS A 209 1.59 4.84 -3.54
N LEU A 210 2.40 5.85 -3.19
CA LEU A 210 2.15 7.25 -3.56
C LEU A 210 2.05 7.47 -5.07
N ASN A 211 2.98 6.89 -5.82
CA ASN A 211 3.04 7.05 -7.26
C ASN A 211 2.07 6.12 -8.00
N MET A 212 1.85 4.92 -7.45
CA MET A 212 0.95 3.92 -8.04
C MET A 212 -0.47 4.46 -8.31
N VAL A 213 -0.99 5.21 -7.36
CA VAL A 213 -2.34 5.77 -7.46
C VAL A 213 -2.42 7.03 -8.32
N GLN A 214 -1.26 7.64 -8.60
CA GLN A 214 -1.15 8.76 -9.53
C GLN A 214 -0.85 8.30 -10.95
N ASP A 215 0.14 7.42 -11.12
CA ASP A 215 0.55 6.91 -12.43
C ASP A 215 1.08 5.48 -12.33
N PRO A 216 0.18 4.49 -12.45
CA PRO A 216 0.59 3.07 -12.40
C PRO A 216 1.32 2.51 -13.63
N SER A 217 1.39 3.27 -14.73
CA SER A 217 2.17 2.85 -15.93
C SER A 217 3.67 2.97 -15.75
N GLN A 218 4.10 3.64 -14.69
CA GLN A 218 5.51 3.76 -14.36
C GLN A 218 6.13 2.43 -13.86
N PHE A 219 5.29 1.49 -13.43
CA PHE A 219 5.78 0.22 -12.85
C PHE A 219 5.61 -0.97 -13.77
N ASP A 220 6.49 -1.95 -13.58
CA ASP A 220 6.61 -3.11 -14.46
C ASP A 220 6.53 -4.40 -13.63
N VAL A 221 7.60 -4.74 -12.92
CA VAL A 221 7.62 -5.91 -12.04
C VAL A 221 8.05 -5.48 -10.65
N LEU A 222 7.21 -5.79 -9.67
CA LEU A 222 7.47 -5.43 -8.29
C LEU A 222 7.80 -6.71 -7.52
N VAL A 223 8.97 -6.72 -6.88
CA VAL A 223 9.37 -7.83 -6.02
C VAL A 223 9.54 -7.32 -4.58
N MET A 224 9.08 -8.10 -3.61
CA MET A 224 9.01 -7.63 -2.22
C MET A 224 8.70 -8.71 -1.18
N PRO A 225 8.97 -8.42 0.11
CA PRO A 225 8.60 -9.32 1.21
C PRO A 225 7.08 -9.51 1.38
N ASN A 226 6.73 -10.36 2.34
CA ASN A 226 5.39 -10.94 2.43
C ASN A 226 4.27 -9.89 2.63
N LEU A 227 4.41 -9.04 3.62
CA LEU A 227 3.33 -8.08 3.98
C LEU A 227 3.12 -7.00 2.92
N TYR A 228 4.20 -6.52 2.32
CA TYR A 228 4.13 -5.49 1.28
C TYR A 228 3.46 -6.03 0.01
N GLY A 229 3.86 -7.24 -0.38
CA GLY A 229 3.30 -7.94 -1.54
C GLY A 229 1.82 -8.25 -1.36
N ASP A 230 1.46 -8.72 -0.17
CA ASP A 230 0.07 -8.98 0.17
C ASP A 230 -0.83 -7.76 0.02
N ILE A 231 -0.27 -6.59 0.32
CA ILE A 231 -1.00 -5.32 0.24
C ILE A 231 -0.97 -4.76 -1.19
N LEU A 232 0.22 -4.66 -1.78
CA LEU A 232 0.36 -4.13 -3.15
C LEU A 232 -0.36 -4.94 -4.22
N SER A 233 -0.42 -6.26 -4.04
CA SER A 233 -1.15 -7.13 -4.96
C SER A 233 -2.64 -6.79 -4.96
N ASP A 234 -3.20 -6.58 -3.77
CA ASP A 234 -4.59 -6.12 -3.66
C ASP A 234 -4.76 -4.68 -4.16
N LEU A 235 -3.78 -3.83 -3.89
CA LEU A 235 -3.80 -2.45 -4.36
C LEU A 235 -3.89 -2.37 -5.88
N CYS A 236 -2.97 -3.07 -6.54
CA CYS A 236 -2.97 -3.17 -8.01
C CYS A 236 -4.26 -3.76 -8.53
N ALA A 237 -4.70 -4.88 -7.94
CA ALA A 237 -5.96 -5.52 -8.30
C ALA A 237 -7.15 -4.55 -8.26
N GLY A 238 -7.15 -3.63 -7.31
CA GLY A 238 -8.18 -2.59 -7.20
C GLY A 238 -8.13 -1.56 -8.32
N LEU A 239 -6.95 -1.34 -8.88
CA LEU A 239 -6.79 -0.42 -10.01
C LEU A 239 -7.43 -0.95 -11.29
N ILE A 240 -7.32 -2.26 -11.49
CA ILE A 240 -7.83 -2.92 -12.69
C ILE A 240 -9.31 -3.32 -12.60
N GLY A 241 -9.87 -3.26 -11.38
CA GLY A 241 -11.31 -3.47 -11.18
C GLY A 241 -11.77 -4.48 -10.13
N GLY A 242 -10.83 -5.15 -9.46
CA GLY A 242 -11.16 -6.00 -8.31
C GLY A 242 -10.66 -7.43 -8.44
N LEU A 243 -11.01 -8.22 -7.43
CA LEU A 243 -10.62 -9.63 -7.37
C LEU A 243 -11.38 -10.52 -8.37
N GLY A 244 -12.55 -10.05 -8.80
CA GLY A 244 -13.37 -10.75 -9.79
C GLY A 244 -12.82 -10.81 -11.20
N VAL A 245 -11.72 -10.10 -11.48
CA VAL A 245 -11.09 -10.11 -12.82
C VAL A 245 -9.57 -10.28 -12.76
N THR A 246 -9.08 -10.91 -11.69
CA THR A 246 -7.65 -10.91 -11.39
C THR A 246 -7.08 -12.32 -11.36
N PRO A 247 -6.11 -12.60 -12.25
CA PRO A 247 -5.40 -13.88 -12.18
C PRO A 247 -4.40 -13.91 -11.04
N SER A 248 -4.10 -15.11 -10.56
CA SER A 248 -3.08 -15.32 -9.52
C SER A 248 -2.43 -16.67 -9.70
N GLY A 249 -1.16 -16.77 -9.30
CA GLY A 249 -0.42 -18.03 -9.39
C GLY A 249 0.62 -18.17 -8.30
N ASN A 250 0.71 -19.37 -7.72
CA ASN A 250 1.67 -19.67 -6.66
C ASN A 250 2.65 -20.72 -7.16
N ILE A 251 3.95 -20.44 -7.03
CA ILE A 251 5.01 -21.34 -7.51
C ILE A 251 5.67 -22.01 -6.31
N GLY A 252 5.78 -23.33 -6.37
CA GLY A 252 6.33 -24.14 -5.28
C GLY A 252 7.67 -24.77 -5.56
N ALA A 253 8.03 -25.74 -4.72
CA ALA A 253 9.30 -26.48 -4.83
C ALA A 253 9.22 -27.53 -5.95
N ASN A 254 10.38 -27.82 -6.54
CA ASN A 254 10.54 -28.77 -7.66
C ASN A 254 9.41 -28.75 -8.72
N GLY A 255 9.17 -27.58 -9.29
CA GLY A 255 8.33 -27.44 -10.49
C GLY A 255 6.83 -27.63 -10.34
N VAL A 256 6.30 -27.29 -9.17
CA VAL A 256 4.84 -27.34 -8.93
C VAL A 256 4.27 -25.91 -8.97
N ALA A 257 3.01 -25.78 -9.34
CA ALA A 257 2.36 -24.47 -9.45
C ALA A 257 0.84 -24.54 -9.47
N ILE A 258 0.20 -23.87 -8.51
CA ILE A 258 -1.26 -23.73 -8.46
C ILE A 258 -1.62 -22.34 -8.97
N PHE A 259 -2.77 -22.23 -9.64
CA PHE A 259 -3.27 -20.96 -10.16
C PHE A 259 -4.72 -20.81 -9.78
N GLU A 260 -5.03 -19.81 -8.97
CA GLU A 260 -6.34 -19.75 -8.30
C GLU A 260 -7.20 -18.56 -8.67
N SER A 261 -8.50 -18.75 -8.44
CA SER A 261 -9.43 -17.65 -8.32
C SER A 261 -9.27 -17.12 -6.90
N VAL A 262 -8.81 -15.87 -6.79
CA VAL A 262 -8.51 -15.27 -5.49
C VAL A 262 -9.68 -14.45 -4.90
N HIS A 263 -10.90 -14.65 -5.42
CA HIS A 263 -12.11 -14.02 -4.89
C HIS A 263 -12.86 -14.98 -3.95
N GLY A 264 -14.03 -14.54 -3.46
CA GLY A 264 -14.89 -15.34 -2.58
C GLY A 264 -15.76 -16.37 -3.28
N THR A 265 -16.36 -17.26 -2.49
CA THR A 265 -17.19 -18.35 -3.01
C THR A 265 -18.58 -17.92 -3.51
N ALA A 266 -18.99 -16.69 -3.18
CA ALA A 266 -20.27 -16.14 -3.63
C ALA A 266 -21.43 -17.13 -3.43
N PRO A 267 -21.69 -17.55 -2.17
CA PRO A 267 -22.74 -18.56 -1.91
C PRO A 267 -24.15 -18.14 -2.31
N ASP A 268 -24.38 -16.82 -2.40
CA ASP A 268 -25.68 -16.25 -2.75
C ASP A 268 -26.17 -16.73 -4.12
N ILE A 269 -25.22 -16.78 -5.07
CA ILE A 269 -25.51 -17.03 -6.48
C ILE A 269 -24.89 -18.36 -6.96
N ALA A 270 -24.69 -19.27 -6.02
CA ALA A 270 -23.97 -20.54 -6.26
C ALA A 270 -24.59 -21.36 -7.40
N GLY A 271 -25.91 -21.54 -7.33
CA GLY A 271 -26.66 -22.27 -8.34
C GLY A 271 -27.40 -21.42 -9.36
N LYS A 272 -27.65 -20.15 -9.04
CA LYS A 272 -28.51 -19.27 -9.85
C LYS A 272 -27.93 -18.84 -11.21
N ASP A 273 -26.67 -19.21 -11.50
CA ASP A 273 -26.05 -19.02 -12.81
C ASP A 273 -25.86 -17.53 -13.16
N MET A 274 -25.47 -16.74 -12.16
CA MET A 274 -25.14 -15.33 -12.34
C MET A 274 -23.65 -15.08 -12.17
N ALA A 275 -22.87 -16.16 -12.05
CA ALA A 275 -21.43 -16.09 -11.73
C ALA A 275 -20.60 -15.55 -12.89
N ASN A 276 -19.33 -15.28 -12.61
CA ASN A 276 -18.40 -14.70 -13.57
C ASN A 276 -17.07 -15.46 -13.56
N PRO A 277 -16.81 -16.27 -14.61
CA PRO A 277 -15.61 -17.12 -14.63
C PRO A 277 -14.30 -16.44 -15.04
N THR A 278 -14.37 -15.15 -15.38
CA THR A 278 -13.24 -14.39 -15.96
C THR A 278 -11.90 -14.61 -15.24
N ALA A 279 -11.90 -14.50 -13.93
CA ALA A 279 -10.67 -14.52 -13.14
C ALA A 279 -10.00 -15.89 -13.15
N LEU A 280 -10.82 -16.92 -12.96
CA LEU A 280 -10.33 -18.31 -12.99
C LEU A 280 -9.83 -18.64 -14.39
N LEU A 281 -10.53 -18.13 -15.40
CA LEU A 281 -10.13 -18.25 -16.79
C LEU A 281 -8.76 -17.64 -17.03
N LEU A 282 -8.59 -16.39 -16.61
CA LEU A 282 -7.30 -15.68 -16.69
C LEU A 282 -6.17 -16.41 -15.92
N SER A 283 -6.53 -17.00 -14.78
CA SER A 283 -5.59 -17.84 -14.02
C SER A 283 -5.21 -19.10 -14.81
N ALA A 284 -6.18 -19.63 -15.56
CA ALA A 284 -5.94 -20.76 -16.45
C ALA A 284 -5.08 -20.36 -17.66
N VAL A 285 -5.38 -19.21 -18.25
CA VAL A 285 -4.53 -18.63 -19.30
C VAL A 285 -3.10 -18.48 -18.80
N MET A 286 -2.97 -17.92 -17.59
CA MET A 286 -1.68 -17.77 -16.93
C MET A 286 -1.01 -19.13 -16.69
N MET A 287 -1.81 -20.12 -16.29
CA MET A 287 -1.36 -21.51 -16.15
C MET A 287 -0.78 -22.07 -17.46
N LEU A 288 -1.49 -21.86 -18.56
CA LEU A 288 -1.03 -22.30 -19.89
C LEU A 288 0.31 -21.66 -20.27
N ARG A 289 0.42 -20.34 -20.05
CA ARG A 289 1.65 -19.61 -20.33
C ARG A 289 2.86 -20.15 -19.56
N HIS A 290 2.62 -20.59 -18.32
CA HIS A 290 3.68 -21.15 -17.49
C HIS A 290 4.16 -22.51 -18.01
N MET A 291 3.22 -23.34 -18.43
CA MET A 291 3.53 -24.64 -19.04
C MET A 291 4.31 -24.48 -20.35
N GLY A 292 3.87 -23.53 -21.17
CA GLY A 292 4.48 -23.26 -22.48
C GLY A 292 3.53 -23.27 -23.67
N LEU A 293 2.23 -23.45 -23.41
CA LEU A 293 1.22 -23.43 -24.47
C LEU A 293 0.77 -21.99 -24.72
N PHE A 294 1.65 -21.25 -25.40
CA PHE A 294 1.44 -19.81 -25.62
C PHE A 294 0.36 -19.53 -26.66
N ASP A 295 0.27 -20.38 -27.67
CA ASP A 295 -0.74 -20.22 -28.73
C ASP A 295 -2.16 -20.27 -28.19
N HIS A 296 -2.45 -21.32 -27.42
CA HIS A 296 -3.76 -21.48 -26.80
C HIS A 296 -4.06 -20.40 -25.76
N ALA A 297 -3.05 -20.01 -24.99
CA ALA A 297 -3.17 -18.96 -23.99
C ALA A 297 -3.63 -17.63 -24.62
N ALA A 298 -2.88 -17.17 -25.61
CA ALA A 298 -3.17 -15.92 -26.31
C ALA A 298 -4.54 -15.92 -26.99
N ARG A 299 -4.95 -17.07 -27.50
CA ARG A 299 -6.24 -17.22 -28.19
C ARG A 299 -7.42 -17.09 -27.24
N ILE A 300 -7.31 -17.75 -26.08
CA ILE A 300 -8.38 -17.72 -25.07
C ILE A 300 -8.43 -16.35 -24.39
N GLU A 301 -7.26 -15.82 -24.08
CA GLU A 301 -7.14 -14.47 -23.52
C GLU A 301 -7.82 -13.42 -24.41
N ALA A 302 -7.47 -13.44 -25.69
CA ALA A 302 -8.07 -12.54 -26.69
C ALA A 302 -9.57 -12.78 -26.86
N ALA A 303 -9.97 -14.05 -26.77
CA ALA A 303 -11.39 -14.42 -26.83
C ALA A 303 -12.19 -13.84 -25.66
N CYS A 304 -11.55 -13.79 -24.49
CA CYS A 304 -12.15 -13.19 -23.30
C CYS A 304 -12.25 -11.68 -23.40
N PHE A 305 -11.12 -11.02 -23.67
CA PHE A 305 -11.08 -9.54 -23.75
C PHE A 305 -12.06 -8.99 -24.78
N ALA A 306 -12.17 -9.65 -25.92
CA ALA A 306 -13.10 -9.26 -26.98
C ALA A 306 -14.55 -9.40 -26.54
N THR A 307 -14.84 -10.46 -25.79
CA THR A 307 -16.17 -10.70 -25.21
C THR A 307 -16.57 -9.59 -24.23
N ILE A 308 -15.64 -9.23 -23.35
CA ILE A 308 -15.87 -8.17 -22.36
C ILE A 308 -16.03 -6.81 -23.07
N LYS A 309 -15.27 -6.61 -24.14
CA LYS A 309 -15.29 -5.35 -24.90
C LYS A 309 -16.64 -5.08 -25.59
N ASP A 310 -17.28 -6.12 -26.11
CA ASP A 310 -18.63 -5.98 -26.69
C ASP A 310 -19.59 -5.41 -25.66
N GLY A 311 -19.58 -6.02 -24.47
CA GLY A 311 -20.18 -5.41 -23.29
C GLY A 311 -21.70 -5.38 -23.19
N LYS A 312 -22.38 -6.12 -24.07
CA LYS A 312 -23.84 -6.32 -23.97
C LYS A 312 -24.16 -7.64 -23.25
N SER A 313 -23.33 -8.66 -23.50
CA SER A 313 -23.50 -9.98 -22.91
C SER A 313 -22.57 -10.13 -21.69
N LEU A 314 -22.83 -9.32 -20.67
CA LEU A 314 -22.07 -9.32 -19.42
C LEU A 314 -22.89 -9.86 -18.27
N THR A 315 -22.19 -10.41 -17.28
CA THR A 315 -22.79 -11.00 -16.07
C THR A 315 -23.38 -9.90 -15.19
N LYS A 316 -23.94 -10.28 -14.03
CA LYS A 316 -24.37 -9.28 -13.03
C LYS A 316 -23.19 -8.57 -12.37
N ASP A 317 -22.03 -9.19 -12.40
CA ASP A 317 -20.81 -8.69 -11.74
C ASP A 317 -20.22 -7.52 -12.52
N GLY A 319 -21.07 -5.03 -15.30
CA GLY A 319 -22.00 -6.11 -15.63
C GLY A 319 -23.34 -5.63 -16.17
N GLY A 320 -24.21 -6.58 -16.49
CA GLY A 320 -25.58 -6.31 -16.92
C GLY A 320 -26.55 -7.39 -16.42
N ASN A 321 -27.35 -7.94 -17.33
CA ASN A 321 -28.21 -9.11 -17.04
C ASN A 321 -28.17 -10.14 -18.18
N ALA A 322 -27.03 -10.81 -18.27
CA ALA A 322 -26.84 -12.01 -19.10
C ALA A 322 -26.16 -13.08 -18.24
N LYS A 323 -26.55 -14.34 -18.44
CA LYS A 323 -26.15 -15.41 -17.53
C LYS A 323 -24.69 -15.84 -17.73
N CYS A 324 -24.18 -16.62 -16.78
CA CYS A 324 -22.81 -17.15 -16.83
C CYS A 324 -22.58 -18.04 -18.05
N SER A 325 -23.62 -18.77 -18.46
CA SER A 325 -23.58 -19.66 -19.62
C SER A 325 -23.49 -18.91 -20.95
N ASP A 326 -24.29 -17.85 -21.07
CA ASP A 326 -24.29 -16.98 -22.28
C ASP A 326 -22.94 -16.30 -22.48
N PHE A 327 -22.34 -15.85 -21.38
CA PHE A 327 -20.98 -15.31 -21.38
C PHE A 327 -19.98 -16.39 -21.81
N THR A 328 -20.06 -17.56 -21.18
CA THR A 328 -19.17 -18.68 -21.48
C THR A 328 -19.30 -19.16 -22.93
N GLU A 329 -20.54 -19.20 -23.44
CA GLU A 329 -20.80 -19.56 -24.84
C GLU A 329 -20.20 -18.53 -25.80
N GLU A 330 -20.28 -17.26 -25.43
CA GLU A 330 -19.70 -16.16 -26.21
C GLU A 330 -18.18 -16.31 -26.36
N ILE A 331 -17.52 -16.83 -25.33
CA ILE A 331 -16.08 -17.11 -25.38
C ILE A 331 -15.83 -18.22 -26.39
N CYS A 332 -16.59 -19.31 -26.25
CA CYS A 332 -16.49 -20.49 -27.11
C CYS A 332 -16.77 -20.17 -28.58
N ARG A 333 -17.78 -19.34 -28.81
CA ARG A 333 -18.13 -18.86 -30.15
C ARG A 333 -16.91 -18.23 -30.84
N ARG A 334 -16.23 -17.34 -30.13
CA ARG A 334 -15.14 -16.53 -30.70
C ARG A 334 -13.79 -17.25 -30.73
N VAL A 335 -13.49 -18.03 -29.70
CA VAL A 335 -12.21 -18.75 -29.60
C VAL A 335 -12.05 -19.85 -30.68
N LYS A 336 -13.19 -20.40 -31.13
CA LYS A 336 -13.22 -21.35 -32.25
C LYS A 336 -12.74 -20.69 -33.55
N ASP A 337 -13.17 -19.45 -33.77
CA ASP A 337 -12.76 -18.66 -34.93
C ASP A 337 -11.51 -17.84 -34.58
N LEU A 338 -10.38 -18.55 -34.46
CA LEU A 338 -9.07 -17.95 -34.13
C LEU A 338 -8.92 -16.52 -34.69
N ARG B 15 4.48 37.35 21.09
CA ARG B 15 5.37 36.64 20.09
C ARG B 15 5.77 35.24 20.55
N HIS B 16 5.69 34.28 19.63
CA HIS B 16 6.03 32.87 19.90
C HIS B 16 7.35 32.50 19.27
N THR B 17 8.16 31.73 20.00
CA THR B 17 9.38 31.15 19.46
C THR B 17 9.09 29.70 19.09
N VAL B 18 9.46 29.33 17.86
CA VAL B 18 9.18 28.01 17.29
C VAL B 18 10.45 27.40 16.71
N THR B 19 10.68 26.12 16.96
CA THR B 19 11.81 25.41 16.37
C THR B 19 11.57 25.13 14.88
N MET B 20 12.58 25.39 14.06
CA MET B 20 12.53 25.08 12.62
C MET B 20 13.67 24.14 12.28
N ILE B 21 13.34 22.95 11.77
CA ILE B 21 14.34 22.00 11.28
C ILE B 21 14.19 21.93 9.75
N PRO B 22 15.12 22.58 9.00
CA PRO B 22 14.94 22.65 7.55
C PRO B 22 14.95 21.31 6.83
N GLY B 23 15.78 20.38 7.30
CA GLY B 23 15.87 19.06 6.71
C GLY B 23 16.68 19.06 5.42
N ASP B 24 16.56 17.96 4.69
CA ASP B 24 17.24 17.78 3.41
C ASP B 24 16.30 18.11 2.25
N GLY B 25 16.79 17.98 1.03
CA GLY B 25 16.00 18.15 -0.19
C GLY B 25 15.36 19.53 -0.35
N ILE B 26 14.05 19.54 -0.57
CA ILE B 26 13.26 20.79 -0.74
C ILE B 26 12.95 21.53 0.56
N GLY B 27 13.37 20.99 1.71
CA GLY B 27 13.06 21.56 3.01
C GLY B 27 13.54 22.98 3.19
N PRO B 28 14.86 23.22 3.08
CA PRO B 28 15.42 24.57 3.23
C PRO B 28 14.78 25.63 2.31
N GLU B 29 14.71 25.36 1.02
CA GLU B 29 14.17 26.35 0.06
C GLU B 29 12.69 26.68 0.33
N LEU B 30 11.92 25.70 0.78
CA LEU B 30 10.53 25.91 1.15
C LEU B 30 10.39 26.62 2.50
N MET B 31 11.31 26.35 3.43
CA MET B 31 11.34 27.07 4.71
C MET B 31 11.57 28.57 4.49
N LEU B 32 12.40 28.94 3.52
CA LEU B 32 12.56 30.35 3.14
C LEU B 32 11.22 30.97 2.73
N HIS B 33 10.46 30.25 1.91
CA HIS B 33 9.14 30.72 1.47
C HIS B 33 8.10 30.82 2.60
N VAL B 34 8.22 29.97 3.61
CA VAL B 34 7.36 30.04 4.80
C VAL B 34 7.66 31.30 5.59
N LYS B 35 8.94 31.67 5.66
CA LYS B 35 9.34 32.91 6.33
C LYS B 35 8.85 34.14 5.58
N SER B 36 9.05 34.17 4.26
CA SER B 36 8.54 35.24 3.40
C SER B 36 7.07 35.53 3.66
N VAL B 37 6.29 34.45 3.67
CA VAL B 37 4.84 34.53 3.88
C VAL B 37 4.52 35.06 5.27
N PHE B 38 5.23 34.56 6.27
CA PHE B 38 5.06 34.98 7.66
C PHE B 38 5.43 36.46 7.86
N ARG B 39 6.60 36.85 7.35
CA ARG B 39 7.02 38.26 7.36
C ARG B 39 5.95 39.13 6.76
N HIS B 40 5.54 38.79 5.54
CA HIS B 40 4.52 39.54 4.84
C HIS B 40 3.19 39.63 5.60
N ALA B 41 2.77 38.53 6.21
CA ALA B 41 1.50 38.47 6.96
C ALA B 41 1.61 38.98 8.40
N CYS B 42 2.80 39.45 8.79
CA CYS B 42 3.07 39.99 10.13
C CYS B 42 2.74 38.98 11.21
N VAL B 43 3.15 37.73 10.97
CA VAL B 43 2.93 36.64 11.90
C VAL B 43 3.88 36.86 13.08
N PRO B 44 3.35 36.85 14.33
CA PRO B 44 4.20 37.00 15.50
C PRO B 44 4.83 35.68 15.90
N VAL B 45 5.72 35.17 15.05
CA VAL B 45 6.41 33.91 15.29
C VAL B 45 7.87 34.04 14.86
N ASP B 46 8.77 33.71 15.77
CA ASP B 46 10.20 33.73 15.52
C ASP B 46 10.70 32.29 15.44
N PHE B 47 11.44 31.97 14.38
CA PHE B 47 11.97 30.61 14.18
C PHE B 47 13.41 30.48 14.68
N GLU B 48 13.64 29.59 15.64
CA GLU B 48 14.99 29.16 16.02
C GLU B 48 15.39 27.96 15.16
N GLU B 49 16.16 28.21 14.11
CA GLU B 49 16.61 27.12 13.23
C GLU B 49 17.61 26.21 13.91
N VAL B 50 17.45 24.91 13.70
CA VAL B 50 18.40 23.91 14.16
C VAL B 50 18.60 22.93 13.01
N HIS B 51 19.85 22.51 12.82
CA HIS B 51 20.21 21.68 11.68
C HIS B 51 20.54 20.25 12.11
N VAL B 52 20.25 19.30 11.23
CA VAL B 52 20.50 17.89 11.44
C VAL B 52 21.28 17.34 10.24
N SER B 53 22.58 17.12 10.44
CA SER B 53 23.46 16.68 9.38
C SER B 53 23.32 15.18 9.09
N SER B 54 24.14 14.69 8.16
CA SER B 54 24.23 13.26 7.86
C SER B 54 25.17 12.49 8.80
N ASN B 55 25.86 13.21 9.70
CA ASN B 55 26.81 12.60 10.64
C ASN B 55 26.18 11.44 11.41
N ALA B 56 26.96 10.37 11.59
CA ALA B 56 26.54 9.19 12.35
C ALA B 56 26.39 9.51 13.85
N ASP B 57 27.08 10.55 14.29
CA ASP B 57 26.96 11.06 15.66
C ASP B 57 25.56 11.69 15.86
N GLU B 58 24.93 11.35 16.98
CA GLU B 58 23.58 11.83 17.31
C GLU B 58 23.57 13.13 18.13
N GLU B 59 24.61 13.94 18.01
CA GLU B 59 24.70 15.22 18.72
C GLU B 59 23.70 16.23 18.17
N ASP B 60 23.62 16.33 16.84
CA ASP B 60 22.74 17.29 16.17
C ASP B 60 21.26 17.05 16.46
N ILE B 61 20.87 15.78 16.37
CA ILE B 61 19.49 15.34 16.65
C ILE B 61 19.07 15.52 18.13
N ARG B 62 20.01 15.36 19.05
CA ARG B 62 19.75 15.58 20.48
C ARG B 62 19.48 17.05 20.80
N ASN B 63 20.19 17.96 20.11
CA ASN B 63 19.95 19.39 20.24
C ASN B 63 18.58 19.79 19.69
N ALA B 64 18.19 19.17 18.58
CA ALA B 64 16.88 19.38 17.99
C ALA B 64 15.76 18.97 18.95
N ILE B 65 15.94 17.82 19.60
CA ILE B 65 14.99 17.35 20.61
C ILE B 65 14.87 18.40 21.71
N MET B 66 16.01 18.75 22.30
CA MET B 66 16.06 19.74 23.38
C MET B 66 15.45 21.08 22.98
N ALA B 67 15.73 21.53 21.76
CA ALA B 67 15.15 22.76 21.21
C ALA B 67 13.62 22.69 21.14
N ILE B 68 13.10 21.51 20.83
CA ILE B 68 11.66 21.28 20.76
C ILE B 68 11.05 21.18 22.16
N ARG B 69 11.73 20.50 23.08
CA ARG B 69 11.31 20.46 24.49
C ARG B 69 11.13 21.88 25.05
N ARG B 70 12.04 22.76 24.69
CA ARG B 70 11.99 24.17 25.08
C ARG B 70 10.83 24.93 24.43
N ASN B 71 10.70 24.82 23.11
CA ASN B 71 9.68 25.59 22.37
C ASN B 71 8.32 24.91 22.28
N ARG B 72 8.32 23.57 22.37
CA ARG B 72 7.10 22.73 22.38
C ARG B 72 6.39 22.63 21.02
N VAL B 73 6.89 23.38 20.04
CA VAL B 73 6.31 23.45 18.71
C VAL B 73 7.47 23.52 17.73
N ALA B 74 7.39 22.73 16.67
CA ALA B 74 8.38 22.74 15.61
C ALA B 74 7.71 22.62 14.25
N LEU B 75 8.37 23.23 13.26
CA LEU B 75 8.06 23.04 11.85
C LEU B 75 9.26 22.31 11.29
N LYS B 76 9.03 21.38 10.38
CA LYS B 76 10.08 20.40 10.05
C LYS B 76 10.05 19.98 8.59
N GLY B 77 11.23 19.95 7.98
CA GLY B 77 11.43 19.31 6.67
C GLY B 77 11.81 17.86 6.87
N ASN B 78 11.92 17.12 5.78
CA ASN B 78 12.28 15.70 5.87
C ASN B 78 13.78 15.50 5.85
N ILE B 79 14.29 14.68 6.76
CA ILE B 79 15.69 14.28 6.74
C ILE B 79 15.82 13.03 5.87
N GLU B 80 16.80 13.04 4.97
CA GLU B 80 17.11 11.89 4.12
C GLU B 80 17.80 10.83 4.96
N THR B 81 17.34 9.59 4.84
CA THR B 81 17.96 8.45 5.53
C THR B 81 18.72 7.60 4.52
N ASN B 82 20.02 7.48 4.72
CA ASN B 82 20.84 6.58 3.90
C ASN B 82 20.67 5.16 4.44
N HIS B 83 19.89 4.37 3.71
CA HIS B 83 19.56 2.99 4.09
C HIS B 83 20.63 1.95 3.67
N ASN B 84 21.81 2.41 3.26
CA ASN B 84 22.96 1.53 3.01
C ASN B 84 23.88 1.42 4.22
N LEU B 85 23.71 2.32 5.18
CA LEU B 85 24.51 2.36 6.40
C LEU B 85 24.05 1.30 7.40
N PRO B 86 24.83 1.06 8.47
CA PRO B 86 24.45 -0.01 9.40
C PRO B 86 23.22 0.33 10.26
N PRO B 87 22.53 -0.70 10.80
CA PRO B 87 21.36 -0.49 11.67
C PRO B 87 21.60 0.40 12.90
N SER B 88 22.85 0.55 13.32
CA SER B 88 23.20 1.55 14.34
C SER B 88 22.75 2.96 13.90
N HIS B 89 22.93 3.27 12.63
CA HIS B 89 22.51 4.55 12.04
C HIS B 89 20.99 4.56 11.75
N LYS B 90 20.23 5.16 12.65
CA LYS B 90 18.77 5.11 12.61
C LYS B 90 18.20 6.38 11.98
N SER B 91 17.01 6.26 11.39
CA SER B 91 16.30 7.40 10.83
C SER B 91 16.19 8.49 11.88
N ARG B 92 16.80 9.64 11.61
CA ARG B 92 16.72 10.81 12.50
C ARG B 92 15.28 11.28 12.69
N ASN B 93 14.47 11.13 11.64
CA ASN B 93 13.05 11.45 11.70
C ASN B 93 12.37 10.60 12.76
N ASN B 94 12.62 9.30 12.71
CA ASN B 94 12.03 8.35 13.63
C ASN B 94 12.54 8.55 15.06
N ILE B 95 13.81 8.92 15.18
CA ILE B 95 14.41 9.19 16.48
C ILE B 95 13.73 10.35 17.19
N LEU B 96 13.39 11.37 16.42
CA LEU B 96 12.75 12.57 16.93
C LEU B 96 11.34 12.35 17.47
N ARG B 97 10.51 11.66 16.69
CA ARG B 97 9.11 11.45 17.11
C ARG B 97 8.96 10.45 18.26
N THR B 98 9.89 9.50 18.36
CA THR B 98 9.89 8.57 19.49
C THR B 98 10.46 9.21 20.75
N SER B 99 11.56 9.95 20.62
CA SER B 99 12.16 10.68 21.73
C SER B 99 11.22 11.72 22.31
N LEU B 100 10.51 12.41 21.43
CA LEU B 100 9.50 13.40 21.84
C LEU B 100 8.13 12.77 22.16
N ASP B 101 7.98 11.48 21.85
CA ASP B 101 6.74 10.73 22.09
C ASP B 101 5.53 11.38 21.41
N LEU B 102 5.71 11.80 20.16
CA LEU B 102 4.66 12.42 19.36
C LEU B 102 3.86 11.29 18.75
N TYR B 103 2.98 10.73 19.57
CA TYR B 103 2.31 9.44 19.29
C TYR B 103 1.21 9.45 18.23
N ALA B 104 0.69 10.63 17.90
CA ALA B 104 -0.40 10.76 16.95
C ALA B 104 0.04 11.53 15.71
N ASN B 105 0.19 10.81 14.60
CA ASN B 105 0.33 11.44 13.29
C ASN B 105 -1.05 11.65 12.72
N VAL B 106 -1.39 12.89 12.37
CA VAL B 106 -2.71 13.22 11.85
C VAL B 106 -2.56 13.90 10.49
N ILE B 107 -3.24 13.38 9.47
CA ILE B 107 -3.33 14.03 8.17
C ILE B 107 -4.79 14.05 7.71
N HIS B 108 -5.15 15.12 7.03
CA HIS B 108 -6.48 15.31 6.46
C HIS B 108 -6.34 15.38 4.94
N CYS B 109 -6.70 14.31 4.26
CA CYS B 109 -6.70 14.28 2.79
C CYS B 109 -8.08 14.64 2.27
N LYS B 110 -8.26 15.91 1.91
CA LYS B 110 -9.51 16.38 1.31
C LYS B 110 -9.28 16.76 -0.15
N SER B 111 -10.20 16.34 -1.02
CA SER B 111 -10.16 16.69 -2.45
C SER B 111 -10.19 18.20 -2.59
N LEU B 112 -9.31 18.72 -3.44
CA LEU B 112 -9.21 20.15 -3.67
C LEU B 112 -9.90 20.49 -4.98
N PRO B 113 -10.78 21.52 -4.99
CA PRO B 113 -11.59 21.80 -6.20
C PRO B 113 -10.75 22.10 -7.46
N GLY B 114 -9.69 22.87 -7.29
CA GLY B 114 -8.80 23.24 -8.39
C GLY B 114 -7.89 22.12 -8.90
N VAL B 115 -7.58 21.15 -8.05
CA VAL B 115 -6.72 20.00 -8.43
C VAL B 115 -7.61 18.82 -8.77
N VAL B 116 -7.89 18.63 -10.06
CA VAL B 116 -8.74 17.52 -10.50
C VAL B 116 -7.90 16.25 -10.69
N THR B 117 -8.38 15.17 -10.08
CA THR B 117 -7.75 13.86 -10.12
C THR B 117 -8.81 12.84 -10.57
N ARG B 118 -8.46 11.56 -10.52
CA ARG B 118 -9.39 10.48 -10.88
C ARG B 118 -10.58 10.40 -9.92
N HIS B 119 -10.36 10.76 -8.67
CA HIS B 119 -11.38 10.67 -7.63
C HIS B 119 -11.73 12.04 -7.09
N LYS B 120 -13.00 12.22 -6.73
CA LYS B 120 -13.49 13.45 -6.10
C LYS B 120 -14.27 13.11 -4.84
N ASP B 121 -14.66 14.14 -4.09
CA ASP B 121 -15.44 14.00 -2.85
C ASP B 121 -14.71 13.14 -1.80
N ILE B 122 -13.39 13.28 -1.74
CA ILE B 122 -12.57 12.65 -0.73
C ILE B 122 -12.48 13.57 0.48
N ASP B 123 -12.60 12.99 1.65
CA ASP B 123 -12.52 13.73 2.91
C ASP B 123 -12.17 12.74 4.02
N ILE B 124 -10.87 12.45 4.14
CA ILE B 124 -10.38 11.43 5.07
C ILE B 124 -9.46 12.05 6.12
N LEU B 125 -9.77 11.78 7.39
CA LEU B 125 -8.87 12.07 8.52
C LEU B 125 -8.16 10.80 8.90
N ILE B 126 -6.84 10.79 8.83
CA ILE B 126 -6.07 9.59 9.12
C ILE B 126 -5.28 9.83 10.41
N VAL B 127 -5.59 9.02 11.42
CA VAL B 127 -4.89 9.06 12.72
C VAL B 127 -4.01 7.82 12.84
N ARG B 128 -2.70 8.03 12.87
CA ARG B 128 -1.73 6.95 12.81
C ARG B 128 -0.91 6.92 14.08
N GLU B 129 -0.76 5.73 14.65
CA GLU B 129 0.13 5.53 15.79
C GLU B 129 1.54 5.76 15.28
N ASN B 130 2.30 6.57 16.00
CA ASN B 130 3.52 7.17 15.48
C ASN B 130 4.84 6.80 16.16
N THR B 131 4.78 6.04 17.25
CA THR B 131 5.95 5.78 18.09
C THR B 131 6.31 4.31 18.30
N GLU B 132 5.56 3.43 17.66
CA GLU B 132 5.54 2.02 18.03
C GLU B 132 5.46 1.14 16.78
N GLY B 133 5.01 -0.10 16.94
CA GLY B 133 4.77 -0.98 15.84
C GLY B 133 6.09 -1.42 15.26
N GLU B 134 6.18 -1.38 13.94
CA GLU B 134 7.35 -1.90 13.22
C GLU B 134 8.47 -0.84 13.04
N TYR B 135 8.26 0.34 13.60
CA TYR B 135 9.23 1.42 13.66
C TYR B 135 9.99 1.42 15.01
N SER B 136 9.82 0.37 15.79
CA SER B 136 10.44 0.24 17.09
C SER B 136 11.96 0.04 17.02
N SER B 137 12.48 -0.24 15.82
CA SER B 137 13.92 -0.39 15.57
C SER B 137 14.53 -1.46 16.48
N LEU B 138 13.84 -2.58 16.58
CA LEU B 138 14.32 -3.72 17.35
C LEU B 138 14.60 -4.83 16.37
N GLU B 139 15.87 -5.24 16.32
CA GLU B 139 16.35 -6.08 15.23
C GLU B 139 17.62 -6.79 15.65
N HIS B 140 17.73 -8.05 15.25
CA HIS B 140 18.91 -8.85 15.56
C HIS B 140 19.07 -9.96 14.53
N GLU B 141 20.31 -10.41 14.39
CA GLU B 141 20.63 -11.56 13.55
C GLU B 141 20.99 -12.73 14.47
N SER B 142 20.08 -13.70 14.54
CA SER B 142 20.24 -14.86 15.42
C SER B 142 21.43 -15.70 14.97
N VAL B 143 21.41 -16.09 13.71
CA VAL B 143 22.50 -16.81 13.05
C VAL B 143 22.68 -16.23 11.66
N ALA B 144 23.87 -16.39 11.09
CA ALA B 144 24.22 -15.82 9.79
C ALA B 144 23.12 -16.01 8.75
N GLY B 145 22.57 -14.91 8.26
CA GLY B 145 21.51 -14.92 7.24
C GLY B 145 20.10 -15.14 7.76
N VAL B 146 19.89 -14.85 9.04
CA VAL B 146 18.57 -14.98 9.66
C VAL B 146 18.31 -13.77 10.55
N VAL B 147 17.48 -12.86 10.05
CA VAL B 147 17.18 -11.60 10.76
C VAL B 147 15.74 -11.62 11.28
N GLU B 148 15.58 -11.17 12.51
CA GLU B 148 14.26 -10.98 13.13
C GLU B 148 14.06 -9.51 13.44
N SER B 149 12.93 -8.96 13.00
CA SER B 149 12.51 -7.61 13.37
C SER B 149 11.31 -7.71 14.31
N LEU B 150 11.34 -6.96 15.42
CA LEU B 150 10.32 -7.05 16.45
C LEU B 150 9.33 -5.90 16.35
N LYS B 151 8.16 -6.19 15.77
CA LYS B 151 7.03 -5.28 15.82
C LYS B 151 6.45 -5.33 17.22
N ILE B 152 6.29 -4.16 17.85
CA ILE B 152 5.81 -4.05 19.23
C ILE B 152 4.50 -3.31 19.25
N ILE B 153 3.47 -3.93 19.81
CA ILE B 153 2.17 -3.30 20.01
C ILE B 153 1.84 -3.42 21.48
N THR B 154 1.48 -2.30 22.09
CA THR B 154 1.12 -2.25 23.50
C THR B 154 -0.28 -1.67 23.70
N LYS B 155 -0.90 -2.08 24.81
CA LYS B 155 -2.22 -1.60 25.18
C LYS B 155 -2.22 -0.10 25.45
N ALA B 156 -1.18 0.37 26.13
CA ALA B 156 -1.07 1.78 26.49
C ALA B 156 -1.15 2.70 25.27
N LYS B 157 -0.37 2.37 24.25
CA LYS B 157 -0.25 3.21 23.06
C LYS B 157 -1.41 3.07 22.08
N SER B 158 -2.05 1.89 22.08
CA SER B 158 -3.19 1.63 21.20
C SER B 158 -4.45 2.29 21.74
N LEU B 159 -4.65 2.19 23.05
CA LEU B 159 -5.68 2.98 23.74
C LEU B 159 -5.48 4.46 23.46
N ARG B 160 -4.26 4.92 23.66
CA ARG B 160 -3.92 6.33 23.51
C ARG B 160 -4.26 6.87 22.11
N ILE B 161 -3.95 6.10 21.06
CA ILE B 161 -4.20 6.54 19.69
C ILE B 161 -5.68 6.45 19.32
N ALA B 162 -6.36 5.44 19.85
CA ALA B 162 -7.79 5.30 19.66
C ALA B 162 -8.56 6.42 20.37
N GLU B 163 -8.12 6.78 21.57
CA GLU B 163 -8.71 7.89 22.31
C GLU B 163 -8.63 9.16 21.48
N TYR B 164 -7.47 9.38 20.85
CA TYR B 164 -7.28 10.54 20.00
C TYR B 164 -8.22 10.50 18.80
N ALA B 165 -8.17 9.41 18.05
CA ALA B 165 -8.99 9.25 16.84
C ALA B 165 -10.48 9.46 17.11
N PHE B 166 -10.98 8.92 18.23
CA PHE B 166 -12.41 9.08 18.58
C PHE B 166 -12.74 10.49 19.05
N LYS B 167 -11.85 11.09 19.83
CA LYS B 167 -12.02 12.47 20.26
C LYS B 167 -12.04 13.41 19.06
N LEU B 168 -11.11 13.19 18.13
CA LEU B 168 -11.00 14.02 16.93
C LEU B 168 -12.28 13.95 16.11
N ALA B 169 -12.81 12.74 15.95
CA ALA B 169 -14.05 12.53 15.20
C ALA B 169 -15.25 13.24 15.86
N GLN B 170 -15.32 13.10 17.18
CA GLN B 170 -16.39 13.72 17.97
C GLN B 170 -16.32 15.25 17.90
N GLU B 171 -15.11 15.79 18.00
CA GLU B 171 -14.90 17.23 17.95
C GLU B 171 -14.99 17.85 16.55
N SER B 172 -14.76 17.05 15.52
CA SER B 172 -14.80 17.52 14.13
C SER B 172 -16.17 17.33 13.50
N GLY B 173 -17.11 16.74 14.23
CA GLY B 173 -18.43 16.43 13.68
C GLY B 173 -18.45 15.27 12.69
N ARG B 174 -17.46 14.39 12.78
CA ARG B 174 -17.39 13.20 11.93
C ARG B 174 -18.30 12.15 12.54
N LYS B 175 -18.59 11.10 11.77
CA LYS B 175 -19.57 10.08 12.17
C LYS B 175 -19.07 8.64 12.21
N LYS B 176 -17.91 8.36 11.65
CA LYS B 176 -17.40 7.01 11.56
C LYS B 176 -15.88 6.92 11.74
N VAL B 177 -15.45 6.01 12.60
CA VAL B 177 -14.05 5.64 12.75
C VAL B 177 -13.87 4.23 12.20
N THR B 178 -12.80 4.02 11.43
CA THR B 178 -12.45 2.73 10.85
C THR B 178 -11.05 2.33 11.32
N ALA B 179 -10.96 1.22 12.02
CA ALA B 179 -9.68 0.65 12.43
C ALA B 179 -9.12 -0.20 11.30
N VAL B 180 -7.94 0.16 10.81
CA VAL B 180 -7.25 -0.63 9.80
C VAL B 180 -6.22 -1.52 10.48
N HIS B 181 -6.14 -2.77 10.05
CA HIS B 181 -5.40 -3.82 10.77
C HIS B 181 -5.14 -5.06 9.93
N LYS B 182 -4.38 -6.00 10.49
CA LYS B 182 -4.16 -7.31 9.90
C LYS B 182 -4.18 -8.39 11.00
N ALA B 183 -5.28 -8.41 11.74
CA ALA B 183 -5.43 -9.19 12.98
C ALA B 183 -5.89 -10.62 12.72
N ASN B 184 -6.43 -10.88 11.54
CA ASN B 184 -6.72 -12.25 11.10
C ASN B 184 -5.44 -13.09 10.95
N ILE B 185 -4.32 -12.42 10.69
CA ILE B 185 -3.00 -13.07 10.60
C ILE B 185 -2.11 -12.72 11.80
N MET B 186 -2.08 -11.44 12.19
CA MET B 186 -1.34 -11.00 13.36
C MET B 186 -2.29 -10.94 14.55
N LYS B 187 -2.68 -12.12 15.01
CA LYS B 187 -3.81 -12.30 15.92
C LYS B 187 -3.63 -11.61 17.27
N LEU B 188 -2.42 -11.71 17.82
CA LEU B 188 -2.12 -11.07 19.10
C LEU B 188 -1.75 -9.58 18.96
N GLY B 189 -0.91 -9.27 17.98
CA GLY B 189 -0.43 -7.91 17.79
C GLY B 189 -1.53 -6.96 17.34
N ASP B 190 -1.97 -7.12 16.11
CA ASP B 190 -3.03 -6.28 15.56
C ASP B 190 -4.37 -6.50 16.27
N GLY B 191 -4.56 -7.69 16.84
CA GLY B 191 -5.73 -7.99 17.65
C GLY B 191 -5.77 -7.15 18.90
N LEU B 192 -4.62 -6.93 19.54
CA LEU B 192 -4.54 -6.09 20.74
C LEU B 192 -4.89 -4.65 20.41
N PHE B 193 -4.28 -4.15 19.34
CA PHE B 193 -4.58 -2.81 18.82
C PHE B 193 -6.08 -2.65 18.56
N LEU B 194 -6.67 -3.66 17.91
CA LEU B 194 -8.08 -3.65 17.57
C LEU B 194 -8.99 -3.70 18.80
N GLN B 195 -8.57 -4.44 19.83
CA GLN B 195 -9.32 -4.51 21.06
C GLN B 195 -9.36 -3.15 21.78
N CYS B 196 -8.24 -2.46 21.78
CA CYS B 196 -8.16 -1.12 22.37
C CYS B 196 -9.07 -0.13 21.66
N CYS B 197 -9.16 -0.24 20.34
CA CYS B 197 -10.10 0.59 19.58
C CYS B 197 -11.55 0.34 20.00
N ARG B 198 -11.88 -0.92 20.28
CA ARG B 198 -13.22 -1.28 20.76
C ARG B 198 -13.52 -0.81 22.17
N GLU B 199 -12.56 -0.95 23.09
CA GLU B 199 -12.71 -0.43 24.45
C GLU B 199 -13.09 1.06 24.41
N VAL B 200 -12.37 1.83 23.58
CA VAL B 200 -12.63 3.26 23.42
C VAL B 200 -13.96 3.51 22.70
N ALA B 201 -14.25 2.72 21.66
CA ALA B 201 -15.53 2.81 20.93
C ALA B 201 -16.78 2.71 21.83
N ALA B 202 -16.67 1.99 22.96
CA ALA B 202 -17.78 1.87 23.91
C ALA B 202 -18.16 3.19 24.59
N ARG B 203 -17.22 4.14 24.60
CA ARG B 203 -17.47 5.45 25.18
C ARG B 203 -17.88 6.52 24.16
N TYR B 204 -18.01 6.12 22.89
CA TYR B 204 -18.40 7.02 21.80
C TYR B 204 -19.54 6.40 20.96
N PRO B 205 -20.69 6.13 21.60
CA PRO B 205 -21.83 5.51 20.91
C PRO B 205 -22.43 6.38 19.79
N GLN B 206 -22.22 7.70 19.88
CA GLN B 206 -22.54 8.63 18.79
C GLN B 206 -21.75 8.35 17.50
N ILE B 207 -20.52 7.86 17.64
CA ILE B 207 -19.65 7.53 16.52
C ILE B 207 -19.79 6.05 16.12
N THR B 208 -19.85 5.80 14.82
CA THR B 208 -19.89 4.44 14.28
C THR B 208 -18.49 3.87 14.25
N PHE B 209 -18.33 2.64 14.73
CA PHE B 209 -17.03 1.96 14.71
C PHE B 209 -17.08 0.78 13.75
N GLU B 210 -16.15 0.79 12.78
CA GLU B 210 -15.99 -0.29 11.84
C GLU B 210 -14.53 -0.67 11.84
N ASN B 211 -14.21 -1.77 11.16
CA ASN B 211 -12.83 -2.18 10.94
C ASN B 211 -12.67 -2.83 9.56
N MET B 212 -11.46 -2.74 9.04
CA MET B 212 -11.15 -3.21 7.70
C MET B 212 -9.72 -3.73 7.68
N ILE B 213 -9.51 -4.83 6.98
CA ILE B 213 -8.18 -5.41 6.82
C ILE B 213 -7.40 -4.53 5.86
N VAL B 214 -6.12 -4.30 6.16
CA VAL B 214 -5.28 -3.37 5.40
C VAL B 214 -5.20 -3.71 3.90
N ASP B 215 -5.18 -5.00 3.57
CA ASP B 215 -5.30 -5.49 2.19
C ASP B 215 -6.49 -4.85 1.49
N ASN B 216 -7.67 -5.10 2.03
CA ASN B 216 -8.92 -4.71 1.40
C ASN B 216 -9.10 -3.19 1.40
N THR B 217 -8.57 -2.53 2.43
CA THR B 217 -8.57 -1.07 2.53
C THR B 217 -7.95 -0.39 1.29
N THR B 218 -6.80 -0.88 0.86
CA THR B 218 -6.12 -0.31 -0.31
C THR B 218 -6.95 -0.46 -1.59
N MET B 219 -7.62 -1.61 -1.73
CA MET B 219 -8.59 -1.80 -2.80
C MET B 219 -9.76 -0.82 -2.72
N GLN B 220 -10.28 -0.62 -1.51
CA GLN B 220 -11.38 0.31 -1.31
C GLN B 220 -10.97 1.77 -1.55
N LEU B 221 -9.72 2.10 -1.23
CA LEU B 221 -9.21 3.46 -1.43
C LEU B 221 -9.05 3.83 -2.90
N VAL B 222 -8.61 2.89 -3.72
CA VAL B 222 -8.43 3.12 -5.17
C VAL B 222 -9.70 2.98 -6.02
N SER B 223 -10.79 2.54 -5.42
CA SER B 223 -12.04 2.32 -6.13
C SER B 223 -13.22 3.12 -5.56
N ARG B 224 -13.33 3.19 -4.24
CA ARG B 224 -14.43 3.88 -3.58
C ARG B 224 -13.94 4.48 -2.25
N PRO B 225 -13.05 5.49 -2.32
CA PRO B 225 -12.52 6.14 -1.11
C PRO B 225 -13.46 7.15 -0.44
N GLN B 226 -14.65 7.34 -1.00
CA GLN B 226 -15.67 8.22 -0.42
C GLN B 226 -16.29 7.59 0.83
N GLN B 227 -16.20 6.26 0.93
CA GLN B 227 -16.73 5.52 2.07
C GLN B 227 -16.02 5.82 3.39
N PHE B 228 -14.77 6.27 3.32
CA PHE B 228 -13.96 6.47 4.52
C PHE B 228 -14.18 7.85 5.10
N ASP B 229 -14.02 7.92 6.41
CA ASP B 229 -14.24 9.12 7.19
C ASP B 229 -12.99 9.32 8.06
N VAL B 230 -13.02 8.87 9.31
CA VAL B 230 -11.81 8.83 10.15
C VAL B 230 -11.24 7.41 10.08
N MET B 231 -9.93 7.31 9.94
CA MET B 231 -9.25 6.02 9.90
C MET B 231 -8.18 6.02 10.97
N VAL B 232 -8.09 4.93 11.72
CA VAL B 232 -7.13 4.80 12.82
C VAL B 232 -6.37 3.48 12.68
N MET B 233 -5.06 3.52 12.84
CA MET B 233 -4.24 2.35 12.54
C MET B 233 -2.86 2.41 13.16
N PRO B 234 -2.17 1.24 13.22
CA PRO B 234 -0.76 1.17 13.63
C PRO B 234 0.17 1.88 12.64
N ASN B 235 1.47 1.85 12.92
CA ASN B 235 2.43 2.73 12.27
C ASN B 235 2.61 2.49 10.77
N LEU B 236 2.93 1.27 10.40
CA LEU B 236 3.19 0.94 8.98
C LEU B 236 1.96 1.07 8.10
N TYR B 237 0.80 0.68 8.59
CA TYR B 237 -0.42 0.77 7.78
C TYR B 237 -0.75 2.23 7.56
N GLY B 238 -0.53 3.04 8.60
CA GLY B 238 -0.55 4.50 8.49
C GLY B 238 0.33 5.03 7.39
N ASN B 239 1.55 4.51 7.31
CA ASN B 239 2.47 4.91 6.26
C ASN B 239 1.87 4.68 4.88
N ILE B 240 1.22 3.53 4.71
CA ILE B 240 0.62 3.14 3.45
C ILE B 240 -0.62 3.96 3.15
N VAL B 241 -1.56 3.99 4.07
CA VAL B 241 -2.83 4.68 3.86
C VAL B 241 -2.62 6.19 3.64
N ASN B 242 -1.66 6.78 4.34
CA ASN B 242 -1.34 8.20 4.17
C ASN B 242 -0.91 8.52 2.75
N ASN B 243 0.02 7.72 2.23
CA ASN B 243 0.54 7.91 0.89
C ASN B 243 -0.48 7.61 -0.20
N VAL B 244 -1.28 6.58 0.00
CA VAL B 244 -2.35 6.26 -0.94
C VAL B 244 -3.29 7.47 -0.99
N CYS B 245 -3.85 7.83 0.16
CA CYS B 245 -4.80 8.95 0.26
C CYS B 245 -4.21 10.27 -0.22
N ALA B 246 -2.93 10.48 0.02
CA ALA B 246 -2.22 11.67 -0.50
C ALA B 246 -2.20 11.64 -2.02
N GLY B 247 -1.80 10.49 -2.58
CA GLY B 247 -1.79 10.30 -4.02
C GLY B 247 -3.15 10.45 -4.71
N LEU B 248 -4.21 10.08 -4.00
CA LEU B 248 -5.58 10.19 -4.52
C LEU B 248 -6.01 11.64 -4.72
N VAL B 249 -5.66 12.51 -3.77
CA VAL B 249 -6.04 13.93 -3.85
C VAL B 249 -5.05 14.80 -4.64
N GLY B 250 -4.04 14.18 -5.24
CA GLY B 250 -3.12 14.85 -6.17
C GLY B 250 -1.64 14.87 -5.82
N GLY B 251 -1.20 14.05 -4.88
CA GLY B 251 0.23 13.83 -4.65
C GLY B 251 0.82 14.43 -3.38
N PRO B 252 2.16 14.43 -3.28
CA PRO B 252 2.89 14.83 -2.07
C PRO B 252 3.00 16.34 -1.81
N GLY B 253 2.68 17.18 -2.79
CA GLY B 253 2.81 18.62 -2.65
C GLY B 253 1.66 19.31 -1.94
N LEU B 254 0.57 18.59 -1.67
CA LEU B 254 -0.71 19.21 -1.25
C LEU B 254 -1.11 19.04 0.22
N VAL B 255 -0.67 17.96 0.87
CA VAL B 255 -1.22 17.56 2.18
C VAL B 255 -0.25 17.81 3.36
N ALA B 256 -0.77 18.49 4.38
CA ALA B 256 0.00 18.82 5.57
C ALA B 256 -0.18 17.75 6.64
N GLY B 257 0.91 17.45 7.34
CA GLY B 257 0.94 16.45 8.41
C GLY B 257 1.19 17.08 9.77
N ALA B 258 0.61 16.46 10.79
CA ALA B 258 0.78 16.91 12.17
C ALA B 258 1.22 15.74 13.03
N ASN B 259 2.10 16.01 13.99
CA ASN B 259 2.60 15.00 14.91
C ASN B 259 2.39 15.49 16.33
N TYR B 260 1.39 14.93 16.99
CA TYR B 260 1.01 15.38 18.33
C TYR B 260 1.45 14.41 19.40
N GLY B 261 2.10 14.96 20.42
CA GLY B 261 2.29 14.30 21.72
C GLY B 261 1.41 15.02 22.71
N HIS B 262 1.50 14.60 23.98
CA HIS B 262 0.74 15.24 25.06
C HIS B 262 1.09 16.71 25.23
N VAL B 263 2.39 17.02 25.14
CA VAL B 263 2.89 18.37 25.39
C VAL B 263 3.52 19.00 24.14
N TYR B 264 4.27 18.22 23.37
CA TYR B 264 4.96 18.72 22.18
C TYR B 264 4.11 18.55 20.92
N ALA B 265 4.51 19.23 19.85
CA ALA B 265 3.87 19.09 18.54
C ALA B 265 4.80 19.51 17.41
N VAL B 266 5.04 18.61 16.46
CA VAL B 266 5.86 18.91 15.28
C VAL B 266 5.04 18.81 13.99
N PHE B 267 5.25 19.77 13.09
CA PHE B 267 4.48 19.88 11.85
C PHE B 267 5.37 19.73 10.62
N GLU B 268 4.86 19.01 9.61
CA GLU B 268 5.62 18.60 8.45
C GLU B 268 4.69 18.37 7.28
N THR B 269 5.27 18.08 6.12
CA THR B 269 4.49 17.62 4.96
C THR B 269 4.07 16.19 5.22
N ALA B 270 2.79 15.90 4.98
CA ALA B 270 2.17 14.63 5.38
C ALA B 270 2.91 13.40 4.88
N THR B 271 3.29 13.41 3.62
CA THR B 271 3.94 12.27 3.00
C THR B 271 5.40 12.08 3.48
N ARG B 272 6.00 13.13 4.05
CA ARG B 272 7.35 13.09 4.63
C ARG B 272 8.43 12.78 3.59
N ASN B 273 8.51 13.65 2.59
CA ASN B 273 9.49 13.49 1.49
C ASN B 273 10.55 14.56 1.53
N THR B 274 11.75 14.16 1.17
CA THR B 274 12.87 15.05 0.98
C THR B 274 12.68 15.91 -0.27
N GLY B 275 12.27 15.28 -1.37
CA GLY B 275 12.30 15.92 -2.69
C GLY B 275 13.73 16.19 -3.16
N LYS B 276 14.68 15.37 -2.69
CA LYS B 276 16.09 15.38 -3.13
C LYS B 276 16.27 15.59 -4.64
N SER B 277 15.49 14.88 -5.45
CA SER B 277 15.64 14.90 -6.90
C SER B 277 15.06 16.15 -7.60
N ILE B 278 14.24 16.92 -6.90
CA ILE B 278 13.76 18.23 -7.41
C ILE B 278 14.32 19.43 -6.64
N ALA B 279 15.15 19.18 -5.64
CA ALA B 279 15.70 20.23 -4.80
C ALA B 279 16.53 21.22 -5.63
N ASN B 280 16.36 22.50 -5.31
CA ASN B 280 17.12 23.61 -5.92
C ASN B 280 16.85 23.85 -7.41
N LYS B 281 15.65 23.53 -7.86
CA LYS B 281 15.23 23.79 -9.24
C LYS B 281 13.98 24.67 -9.35
N ASN B 282 13.59 25.29 -8.23
CA ASN B 282 12.41 26.18 -8.16
C ASN B 282 11.14 25.62 -8.83
N ILE B 283 10.85 24.33 -8.61
CA ILE B 283 9.59 23.70 -9.08
C ILE B 283 8.80 22.93 -8.01
N ALA B 284 9.32 22.90 -6.78
CA ALA B 284 8.67 22.19 -5.70
C ALA B 284 7.37 22.90 -5.34
N ASN B 285 6.37 22.11 -4.97
CA ASN B 285 5.06 22.62 -4.62
C ASN B 285 5.09 23.07 -3.16
N PRO B 286 4.83 24.37 -2.91
CA PRO B 286 4.87 24.90 -1.54
C PRO B 286 3.61 24.66 -0.71
N THR B 287 2.54 24.15 -1.33
CA THR B 287 1.24 24.03 -0.67
C THR B 287 1.29 23.26 0.66
N ALA B 288 1.73 22.00 0.60
CA ALA B 288 1.77 21.15 1.79
C ALA B 288 2.52 21.80 2.94
N THR B 289 3.70 22.32 2.64
CA THR B 289 4.52 23.02 3.64
C THR B 289 3.84 24.25 4.25
N LEU B 290 3.19 25.05 3.41
CA LEU B 290 2.43 26.22 3.87
C LEU B 290 1.23 25.84 4.72
N LEU B 291 0.45 24.88 4.23
CA LEU B 291 -0.69 24.35 4.98
C LEU B 291 -0.29 23.75 6.33
N ALA B 292 0.93 23.25 6.42
CA ALA B 292 1.51 22.76 7.68
C ALA B 292 1.83 23.90 8.63
N SER B 293 2.38 25.00 8.12
CA SER B 293 2.66 26.19 8.94
C SER B 293 1.40 26.82 9.53
N CYS B 294 0.29 26.74 8.80
CA CYS B 294 -1.01 27.19 9.28
C CYS B 294 -1.57 26.27 10.37
N MET B 295 -1.35 24.98 10.17
CA MET B 295 -1.70 23.97 11.17
C MET B 295 -0.98 24.25 12.49
N MET B 296 0.28 24.66 12.37
CA MET B 296 1.10 25.07 13.50
C MET B 296 0.58 26.35 14.14
N LEU B 297 0.17 27.32 13.31
CA LEU B 297 -0.43 28.57 13.81
C LEU B 297 -1.72 28.33 14.59
N ASP B 298 -2.56 27.40 14.12
CA ASP B 298 -3.79 27.05 14.83
C ASP B 298 -3.48 26.45 16.21
N HIS B 299 -2.46 25.59 16.27
CA HIS B 299 -1.95 25.06 17.54
C HIS B 299 -1.54 26.18 18.50
N LEU B 300 -0.79 27.15 17.99
CA LEU B 300 -0.35 28.32 18.78
C LEU B 300 -1.45 29.33 19.10
N LYS B 301 -2.68 29.02 18.69
CA LYS B 301 -3.85 29.86 18.95
C LYS B 301 -3.79 31.17 18.13
N LEU B 302 -3.02 31.17 17.05
CA LEU B 302 -2.89 32.33 16.15
C LEU B 302 -3.84 32.15 14.95
N HIS B 303 -5.12 31.93 15.24
CA HIS B 303 -6.11 31.47 14.25
C HIS B 303 -6.35 32.44 13.11
N SER B 304 -6.27 33.74 13.39
CA SER B 304 -6.50 34.77 12.36
C SER B 304 -5.42 34.76 11.28
N TYR B 305 -4.17 34.58 11.69
CA TYR B 305 -3.05 34.46 10.76
C TYR B 305 -3.10 33.14 9.99
N ALA B 306 -3.45 32.06 10.70
CA ALA B 306 -3.63 30.75 10.07
C ALA B 306 -4.64 30.82 8.94
N THR B 307 -5.76 31.46 9.20
CA THR B 307 -6.87 31.56 8.23
C THR B 307 -6.54 32.44 7.03
N SER B 308 -5.80 33.52 7.26
CA SER B 308 -5.40 34.44 6.18
C SER B 308 -4.53 33.74 5.15
N ILE B 309 -3.49 33.08 5.64
CA ILE B 309 -2.52 32.38 4.80
C ILE B 309 -3.18 31.17 4.12
N ARG B 310 -4.00 30.44 4.85
CA ARG B 310 -4.65 29.24 4.32
C ARG B 310 -5.65 29.56 3.20
N LYS B 311 -6.47 30.60 3.39
CA LYS B 311 -7.39 31.04 2.34
C LYS B 311 -6.63 31.56 1.11
N ALA B 312 -5.47 32.16 1.33
CA ALA B 312 -4.59 32.60 0.24
C ALA B 312 -4.03 31.40 -0.54
N VAL B 313 -3.52 30.42 0.20
CA VAL B 313 -2.98 29.21 -0.40
C VAL B 313 -4.03 28.45 -1.20
N LEU B 314 -5.18 28.20 -0.58
CA LEU B 314 -6.30 27.51 -1.24
C LEU B 314 -6.86 28.29 -2.44
N ALA B 315 -6.85 29.61 -2.36
CA ALA B 315 -7.28 30.45 -3.48
C ALA B 315 -6.36 30.32 -4.70
N SER B 316 -5.05 30.21 -4.46
CA SER B 316 -4.09 29.98 -5.53
C SER B 316 -4.31 28.66 -6.25
N MET B 317 -4.73 27.63 -5.51
CA MET B 317 -4.96 26.31 -6.07
C MET B 317 -6.10 26.27 -7.08
N ASP B 318 -7.08 27.16 -6.94
CA ASP B 318 -8.16 27.30 -7.93
C ASP B 318 -7.64 27.71 -9.31
N ASN B 319 -6.58 28.54 -9.33
CA ASN B 319 -5.95 28.97 -10.58
C ASN B 319 -4.92 27.93 -11.05
N GLU B 320 -5.22 27.29 -12.19
CA GLU B 320 -4.33 26.25 -12.74
C GLU B 320 -2.99 26.80 -13.23
N ASN B 321 -2.97 28.08 -13.62
CA ASN B 321 -1.73 28.73 -14.06
C ASN B 321 -0.65 28.78 -12.97
N MET B 322 -1.08 28.78 -11.72
CA MET B 322 -0.17 28.79 -10.57
C MET B 322 0.39 27.41 -10.23
N HIS B 323 -0.26 26.35 -10.72
CA HIS B 323 0.12 24.98 -10.40
C HIS B 323 1.54 24.67 -10.82
N THR B 324 2.19 23.84 -10.02
CA THR B 324 3.53 23.36 -10.29
C THR B 324 3.43 22.00 -11.00
N PRO B 325 4.54 21.51 -11.60
CA PRO B 325 4.51 20.28 -12.39
C PRO B 325 3.90 19.04 -11.75
N ASP B 326 4.23 18.78 -10.49
CA ASP B 326 3.66 17.65 -9.73
C ASP B 326 2.13 17.54 -9.75
N ILE B 327 1.43 18.63 -10.00
CA ILE B 327 -0.03 18.61 -10.16
C ILE B 327 -0.49 19.08 -11.56
N GLY B 328 0.28 18.74 -12.58
CA GLY B 328 -0.08 19.02 -13.97
C GLY B 328 0.20 20.40 -14.53
N GLY B 329 0.87 21.26 -13.75
CA GLY B 329 1.11 22.66 -14.13
C GLY B 329 2.49 22.91 -14.71
N GLN B 330 2.82 24.18 -14.90
CA GLN B 330 4.14 24.59 -15.39
C GLN B 330 4.83 25.69 -14.59
N GLY B 331 4.20 26.15 -13.51
CA GLY B 331 4.71 27.28 -12.71
C GLY B 331 5.88 26.90 -11.84
N THR B 332 6.59 27.91 -11.35
CA THR B 332 7.69 27.73 -10.41
C THR B 332 7.16 27.85 -8.99
N THR B 333 8.01 27.55 -8.02
CA THR B 333 7.65 27.74 -6.61
C THR B 333 7.38 29.22 -6.35
N SER B 334 8.31 30.07 -6.79
CA SER B 334 8.27 31.50 -6.47
C SER B 334 7.07 32.23 -7.07
N GLU B 335 6.59 31.77 -8.21
CA GLU B 335 5.36 32.32 -8.81
C GLU B 335 4.13 31.94 -7.98
N ALA B 336 4.13 30.73 -7.44
CA ALA B 336 3.08 30.27 -6.54
C ALA B 336 3.10 31.09 -5.24
N ILE B 337 4.29 31.29 -4.69
CA ILE B 337 4.45 32.11 -3.49
C ILE B 337 4.08 33.56 -3.76
N GLN B 338 4.43 34.06 -4.94
CA GLN B 338 4.00 35.40 -5.37
C GLN B 338 2.49 35.51 -5.29
N ASP B 339 1.81 34.52 -5.85
CA ASP B 339 0.36 34.51 -5.90
C ASP B 339 -0.26 34.37 -4.51
N VAL B 340 0.35 33.53 -3.67
CA VAL B 340 -0.08 33.40 -2.28
C VAL B 340 0.04 34.77 -1.60
N ILE B 341 1.19 35.43 -1.76
CA ILE B 341 1.40 36.74 -1.17
C ILE B 341 0.42 37.80 -1.71
N ARG B 342 0.11 37.77 -3.01
CA ARG B 342 -0.94 38.66 -3.57
C ARG B 342 -2.26 38.50 -2.84
N HIS B 343 -2.63 37.26 -2.51
CA HIS B 343 -3.92 36.97 -1.87
C HIS B 343 -3.94 37.30 -0.37
N ILE B 344 -2.78 37.49 0.23
CA ILE B 344 -2.66 38.01 1.59
C ILE B 344 -2.69 39.54 1.56
N ARG B 345 -2.13 40.15 0.50
CA ARG B 345 -2.22 41.63 0.29
C ARG B 345 -3.65 42.15 0.31
N VAL B 346 -4.55 41.46 -0.38
CA VAL B 346 -5.98 41.81 -0.42
C VAL B 346 -6.68 41.71 0.95
N ILE B 347 -6.17 40.82 1.82
CA ILE B 347 -6.58 40.74 3.22
C ILE B 347 -5.82 41.76 4.07
N ASN B 348 -4.50 41.76 3.92
CA ASN B 348 -3.59 42.60 4.71
C ASN B 348 -3.68 44.09 4.34
N GLY B 349 -3.26 44.43 3.12
CA GLY B 349 -3.32 45.81 2.61
C GLY B 349 -2.28 46.08 1.55
MG MG C . -4.23 -10.26 0.26
PB ADP D . 11.99 10.39 0.27
O1B ADP D . 13.42 10.90 0.00
O2B ADP D . 11.64 10.69 1.69
O3B ADP D . 11.89 8.88 0.01
PA ADP D . 10.95 11.37 -2.17
O1A ADP D . 11.24 12.79 -2.55
O2A ADP D . 12.08 10.57 -2.73
O3A ADP D . 10.92 11.24 -0.57
O5' ADP D . 9.64 10.80 -2.80
C5' ADP D . 8.57 11.68 -2.99
C4' ADP D . 8.28 11.79 -4.45
O4' ADP D . 7.29 12.88 -4.65
C3' ADP D . 9.44 12.20 -5.19
O3' ADP D . 9.16 11.88 -6.59
C2' ADP D . 9.53 13.63 -5.05
O2' ADP D . 10.32 14.16 -6.18
C1' ADP D . 8.13 14.02 -5.12
N9 ADP D . 7.89 15.07 -4.28
C8 ADP D . 7.98 15.12 -2.94
N7 ADP D . 7.65 16.32 -2.49
C5 ADP D . 7.34 17.08 -3.54
C6 ADP D . 6.92 18.39 -3.71
N6 ADP D . 6.76 19.25 -2.62
N1 ADP D . 6.68 18.87 -4.94
C2 ADP D . 6.83 18.11 -6.03
N3 ADP D . 7.23 16.81 -5.93
C4 ADP D . 7.48 16.30 -4.71
C1 ICT E . 7.73 6.95 7.29
O1 ICT E . 6.83 7.73 7.70
O2 ICT E . 7.47 5.73 7.14
C2 ICT E . 9.12 7.46 6.93
O7 ICT E . 9.83 6.41 6.30
C3 ICT E . 9.90 7.92 8.17
C4 ICT E . 9.67 9.38 8.45
C5 ICT E . 10.08 10.28 7.34
O3 ICT E . 10.11 11.51 7.62
O4 ICT E . 10.40 9.88 6.18
C6 ICT E . 11.40 7.82 8.14
O5 ICT E . 12.04 7.71 7.07
O6 ICT E . 12.00 7.87 9.25
MG MG F . 11.19 10.32 3.88
#